data_2EMP
#
_entry.id   2EMP
#
loop_
_entity.id
_entity.type
_entity.pdbx_description
1 polymer 'Zinc finger protein 347'
2 non-polymer 'ZINC ION'
#
_entity_poly.entity_id   1
_entity_poly.type   'polypeptide(L)'
_entity_poly.pdbx_seq_one_letter_code
;GSSGSSGTGVKPYMCNECGKAFSVYSSLTTHQVIHTGEKPSGPSSG
;
_entity_poly.pdbx_strand_id   A
#
# COMPACT_ATOMS: atom_id res chain seq x y z
N GLY A 1 18.21 1.69 6.73
CA GLY A 1 18.05 1.62 5.30
C GLY A 1 17.29 2.81 4.74
N SER A 2 17.39 3.00 3.42
CA SER A 2 16.72 4.11 2.76
C SER A 2 17.15 5.44 3.37
N SER A 3 18.45 5.57 3.63
CA SER A 3 18.99 6.79 4.21
C SER A 3 19.35 7.80 3.13
N GLY A 4 18.58 8.89 3.06
CA GLY A 4 18.83 9.90 2.06
C GLY A 4 18.85 11.30 2.66
N SER A 5 18.61 12.31 1.83
CA SER A 5 18.60 13.70 2.28
C SER A 5 17.20 14.28 2.22
N SER A 6 16.57 14.20 1.05
CA SER A 6 15.23 14.73 0.87
C SER A 6 14.22 13.95 1.71
N GLY A 7 13.76 14.57 2.79
CA GLY A 7 12.80 13.93 3.67
C GLY A 7 11.62 13.35 2.91
N THR A 8 10.93 14.21 2.16
CA THR A 8 9.77 13.79 1.38
C THR A 8 9.95 12.37 0.85
N GLY A 9 11.05 12.14 0.15
CA GLY A 9 11.31 10.83 -0.40
C GLY A 9 10.33 10.43 -1.48
N VAL A 10 10.46 9.21 -1.99
CA VAL A 10 9.57 8.71 -3.03
C VAL A 10 9.86 7.25 -3.35
N LYS A 11 8.81 6.49 -3.59
CA LYS A 11 8.94 5.06 -3.92
C LYS A 11 8.01 4.67 -5.05
N PRO A 12 8.48 3.76 -5.91
CA PRO A 12 7.71 3.28 -7.07
C PRO A 12 6.52 2.42 -6.64
N TYR A 13 6.76 1.50 -5.70
CA TYR A 13 5.72 0.61 -5.21
C TYR A 13 4.84 1.32 -4.19
N MET A 14 3.70 1.83 -4.66
CA MET A 14 2.76 2.53 -3.78
C MET A 14 1.38 1.90 -3.86
N CYS A 15 0.76 1.70 -2.69
CA CYS A 15 -0.57 1.11 -2.63
C CYS A 15 -1.65 2.16 -2.88
N ASN A 16 -2.77 1.72 -3.43
CA ASN A 16 -3.89 2.61 -3.73
C ASN A 16 -5.06 2.36 -2.79
N GLU A 17 -5.15 1.14 -2.28
CA GLU A 17 -6.21 0.76 -1.36
C GLU A 17 -6.24 1.69 -0.14
N CYS A 18 -5.06 1.90 0.45
CA CYS A 18 -4.94 2.75 1.62
C CYS A 18 -4.07 3.97 1.32
N GLY A 19 -2.93 3.73 0.69
CA GLY A 19 -2.02 4.80 0.35
C GLY A 19 -0.69 4.70 1.08
N LYS A 20 -0.09 3.51 1.04
CA LYS A 20 1.19 3.28 1.70
C LYS A 20 2.28 2.94 0.68
N ALA A 21 3.41 3.62 0.79
CA ALA A 21 4.52 3.39 -0.12
C ALA A 21 5.52 2.39 0.47
N PHE A 22 6.25 1.70 -0.40
CA PHE A 22 7.23 0.72 0.03
C PHE A 22 8.49 0.79 -0.83
N SER A 23 9.58 0.24 -0.31
CA SER A 23 10.86 0.24 -1.02
C SER A 23 11.10 -1.10 -1.70
N VAL A 24 10.23 -2.07 -1.42
CA VAL A 24 10.36 -3.40 -2.01
C VAL A 24 9.11 -3.77 -2.80
N TYR A 25 9.31 -4.51 -3.89
CA TYR A 25 8.21 -4.92 -4.74
C TYR A 25 7.35 -5.97 -4.04
N SER A 26 7.99 -7.04 -3.58
CA SER A 26 7.29 -8.12 -2.89
C SER A 26 6.50 -7.58 -1.70
N SER A 27 7.13 -6.70 -0.93
CA SER A 27 6.49 -6.11 0.24
C SER A 27 5.16 -5.45 -0.14
N LEU A 28 5.17 -4.74 -1.27
CA LEU A 28 3.96 -4.07 -1.74
C LEU A 28 2.83 -5.06 -1.95
N THR A 29 3.14 -6.16 -2.62
CA THR A 29 2.14 -7.20 -2.89
C THR A 29 1.67 -7.86 -1.60
N THR A 30 2.62 -8.27 -0.77
CA THR A 30 2.31 -8.93 0.49
C THR A 30 1.49 -8.01 1.40
N HIS A 31 1.56 -6.71 1.13
CA HIS A 31 0.84 -5.72 1.93
C HIS A 31 -0.61 -5.60 1.45
N GLN A 32 -0.76 -5.40 0.14
CA GLN A 32 -2.10 -5.26 -0.45
C GLN A 32 -3.04 -6.35 0.06
N VAL A 33 -2.46 -7.43 0.56
CA VAL A 33 -3.24 -8.55 1.08
C VAL A 33 -4.24 -8.06 2.13
N ILE A 34 -3.86 -7.04 2.88
CA ILE A 34 -4.73 -6.49 3.91
C ILE A 34 -6.01 -5.92 3.32
N HIS A 35 -6.05 -5.87 1.99
CA HIS A 35 -7.24 -5.36 1.29
C HIS A 35 -7.93 -6.46 0.51
N THR A 36 -7.17 -7.48 0.11
CA THR A 36 -7.72 -8.60 -0.64
C THR A 36 -8.78 -9.33 0.18
N GLY A 37 -8.44 -9.66 1.42
CA GLY A 37 -9.37 -10.36 2.28
C GLY A 37 -10.20 -11.39 1.52
N GLU A 38 -9.60 -12.55 1.26
CA GLU A 38 -10.28 -13.61 0.55
C GLU A 38 -11.50 -14.10 1.32
N LYS A 39 -11.38 -14.12 2.65
CA LYS A 39 -12.47 -14.57 3.51
C LYS A 39 -13.39 -13.41 3.86
N PRO A 40 -14.67 -13.72 4.11
CA PRO A 40 -15.68 -12.72 4.46
C PRO A 40 -15.45 -12.14 5.85
N SER A 41 -15.34 -10.82 5.92
CA SER A 41 -15.12 -10.13 7.19
C SER A 41 -16.15 -9.03 7.41
N GLY A 42 -16.04 -8.33 8.53
CA GLY A 42 -16.97 -7.25 8.84
C GLY A 42 -16.31 -5.89 8.77
N PRO A 43 -15.51 -5.56 9.80
CA PRO A 43 -14.82 -4.28 9.88
C PRO A 43 -13.70 -4.16 8.85
N SER A 44 -13.90 -3.32 7.85
CA SER A 44 -12.91 -3.12 6.80
C SER A 44 -12.68 -1.63 6.54
N SER A 45 -11.41 -1.23 6.54
CA SER A 45 -11.06 0.17 6.31
C SER A 45 -11.51 0.62 4.93
N GLY A 46 -11.25 -0.20 3.92
CA GLY A 46 -11.64 0.13 2.56
C GLY A 46 -11.41 -1.01 1.59
N GLY A 1 6.68 27.47 -6.78
CA GLY A 1 8.12 27.39 -6.95
C GLY A 1 8.62 25.96 -6.84
N SER A 2 7.88 25.02 -7.43
CA SER A 2 8.26 23.61 -7.39
C SER A 2 9.15 23.26 -8.58
N SER A 3 8.76 23.72 -9.77
CA SER A 3 9.53 23.45 -10.98
C SER A 3 10.15 22.06 -10.93
N GLY A 4 9.39 21.10 -10.39
CA GLY A 4 9.89 19.74 -10.30
C GLY A 4 9.92 19.23 -8.87
N SER A 5 9.20 18.14 -8.61
CA SER A 5 9.15 17.56 -7.28
C SER A 5 10.48 16.92 -6.91
N SER A 6 11.41 17.73 -6.43
CA SER A 6 12.73 17.24 -6.05
C SER A 6 12.91 17.30 -4.53
N GLY A 7 12.39 16.28 -3.84
CA GLY A 7 12.50 16.23 -2.40
C GLY A 7 12.67 14.82 -1.88
N THR A 8 12.63 14.67 -0.56
CA THR A 8 12.78 13.37 0.06
C THR A 8 11.43 12.69 0.28
N GLY A 9 11.03 11.85 -0.67
CA GLY A 9 9.76 11.16 -0.56
C GLY A 9 9.25 10.68 -1.91
N VAL A 10 9.66 9.49 -2.31
CA VAL A 10 9.25 8.92 -3.59
C VAL A 10 9.52 7.41 -3.63
N LYS A 11 8.52 6.65 -4.06
CA LYS A 11 8.66 5.21 -4.17
C LYS A 11 7.91 4.67 -5.39
N PRO A 12 8.49 3.64 -6.03
CA PRO A 12 7.91 3.02 -7.22
C PRO A 12 6.64 2.24 -6.90
N TYR A 13 6.71 1.38 -5.89
CA TYR A 13 5.57 0.57 -5.49
C TYR A 13 4.78 1.26 -4.38
N MET A 14 3.71 1.94 -4.77
CA MET A 14 2.86 2.65 -3.80
C MET A 14 1.44 2.11 -3.84
N CYS A 15 0.77 2.15 -2.69
CA CYS A 15 -0.61 1.66 -2.59
C CYS A 15 -1.59 2.82 -2.61
N ASN A 16 -2.66 2.67 -3.39
CA ASN A 16 -3.68 3.71 -3.51
C ASN A 16 -4.88 3.39 -2.62
N GLU A 17 -5.05 2.11 -2.30
CA GLU A 17 -6.16 1.68 -1.47
C GLU A 17 -6.16 2.42 -0.13
N CYS A 18 -5.04 2.35 0.58
CA CYS A 18 -4.91 3.01 1.87
C CYS A 18 -3.96 4.20 1.78
N GLY A 19 -2.82 3.98 1.14
CA GLY A 19 -1.83 5.05 0.99
C GLY A 19 -0.47 4.65 1.50
N LYS A 20 -0.20 3.35 1.55
CA LYS A 20 1.07 2.84 2.02
C LYS A 20 2.04 2.63 0.86
N ALA A 21 3.24 3.19 1.00
CA ALA A 21 4.26 3.07 -0.04
C ALA A 21 5.43 2.22 0.44
N PHE A 22 6.00 1.43 -0.48
CA PHE A 22 7.12 0.57 -0.15
C PHE A 22 8.24 0.71 -1.17
N SER A 23 9.42 0.20 -0.83
CA SER A 23 10.57 0.28 -1.73
C SER A 23 10.70 -1.00 -2.55
N VAL A 24 10.43 -2.13 -1.91
CA VAL A 24 10.52 -3.42 -2.58
C VAL A 24 9.19 -3.81 -3.21
N TYR A 25 9.26 -4.64 -4.26
CA TYR A 25 8.06 -5.08 -4.95
C TYR A 25 7.21 -6.00 -4.07
N SER A 26 7.86 -7.02 -3.51
CA SER A 26 7.17 -7.97 -2.64
C SER A 26 6.55 -7.26 -1.45
N SER A 27 7.32 -6.40 -0.81
CA SER A 27 6.85 -5.65 0.35
C SER A 27 5.44 -5.11 0.11
N LEU A 28 5.16 -4.72 -1.13
CA LEU A 28 3.87 -4.18 -1.50
C LEU A 28 2.83 -5.30 -1.63
N THR A 29 3.27 -6.44 -2.13
CA THR A 29 2.39 -7.59 -2.32
C THR A 29 2.03 -8.23 -0.98
N THR A 30 2.88 -8.02 0.02
CA THR A 30 2.66 -8.57 1.35
C THR A 30 1.68 -7.71 2.14
N HIS A 31 1.53 -6.46 1.73
CA HIS A 31 0.61 -5.54 2.40
C HIS A 31 -0.76 -5.55 1.73
N GLN A 32 -0.77 -5.50 0.41
CA GLN A 32 -2.01 -5.51 -0.36
C GLN A 32 -2.89 -6.70 0.04
N VAL A 33 -2.29 -7.66 0.72
CA VAL A 33 -3.01 -8.86 1.15
C VAL A 33 -4.26 -8.48 1.92
N ILE A 34 -4.29 -7.27 2.46
CA ILE A 34 -5.44 -6.79 3.22
C ILE A 34 -6.48 -6.16 2.30
N HIS A 35 -6.04 -5.71 1.13
CA HIS A 35 -6.93 -5.09 0.16
C HIS A 35 -7.50 -6.13 -0.79
N THR A 36 -6.69 -7.13 -1.13
CA THR A 36 -7.11 -8.18 -2.04
C THR A 36 -7.64 -9.39 -1.26
N GLY A 37 -7.78 -9.23 0.05
CA GLY A 37 -8.28 -10.31 0.87
C GLY A 37 -9.26 -9.82 1.92
N GLU A 38 -10.44 -10.46 1.97
CA GLU A 38 -11.46 -10.08 2.94
C GLU A 38 -12.39 -11.26 3.23
N LYS A 39 -12.35 -11.74 4.46
CA LYS A 39 -13.20 -12.86 4.87
C LYS A 39 -14.67 -12.52 4.74
N PRO A 40 -15.51 -13.55 4.58
CA PRO A 40 -16.97 -13.38 4.44
C PRO A 40 -17.62 -12.93 5.75
N SER A 41 -18.59 -12.03 5.64
CA SER A 41 -19.30 -11.52 6.81
C SER A 41 -20.73 -12.05 6.85
N GLY A 42 -21.22 -12.34 8.05
CA GLY A 42 -22.56 -12.84 8.20
C GLY A 42 -22.96 -13.03 9.65
N PRO A 43 -24.08 -13.73 9.89
CA PRO A 43 -24.58 -14.00 11.24
C PRO A 43 -23.69 -14.98 12.00
N SER A 44 -22.87 -15.73 11.27
CA SER A 44 -21.98 -16.70 11.89
C SER A 44 -20.55 -16.53 11.36
N SER A 45 -20.08 -15.29 11.36
CA SER A 45 -18.74 -14.98 10.88
C SER A 45 -17.70 -15.71 11.71
N GLY A 46 -16.44 -15.65 11.27
CA GLY A 46 -15.37 -16.31 11.98
C GLY A 46 -14.60 -15.36 12.87
N GLY A 1 5.76 23.44 -12.25
CA GLY A 1 6.52 22.24 -11.95
C GLY A 1 6.11 21.60 -10.64
N SER A 2 7.10 21.13 -9.88
CA SER A 2 6.83 20.50 -8.60
C SER A 2 7.60 21.19 -7.47
N SER A 3 7.16 20.96 -6.24
CA SER A 3 7.81 21.57 -5.07
C SER A 3 8.48 20.51 -4.21
N GLY A 4 9.76 20.25 -4.49
CA GLY A 4 10.50 19.27 -3.73
C GLY A 4 9.73 17.97 -3.57
N SER A 5 10.17 17.14 -2.62
CA SER A 5 9.52 15.86 -2.37
C SER A 5 8.56 15.97 -1.19
N SER A 6 7.48 15.20 -1.24
CA SER A 6 6.48 15.21 -0.18
C SER A 6 6.85 14.24 0.93
N GLY A 7 7.70 14.70 1.85
CA GLY A 7 8.12 13.85 2.96
C GLY A 7 9.58 13.48 2.86
N THR A 8 9.90 12.22 3.12
CA THR A 8 11.27 11.73 3.08
C THR A 8 11.43 10.63 2.05
N GLY A 9 12.04 10.96 0.92
CA GLY A 9 12.25 9.98 -0.13
C GLY A 9 10.95 9.54 -0.78
N VAL A 10 11.06 8.81 -1.88
CA VAL A 10 9.88 8.32 -2.60
C VAL A 10 10.10 6.92 -3.13
N LYS A 11 9.07 6.09 -3.01
CA LYS A 11 9.15 4.70 -3.49
C LYS A 11 8.23 4.49 -4.69
N PRO A 12 8.69 3.65 -5.64
CA PRO A 12 7.93 3.34 -6.84
C PRO A 12 6.69 2.49 -6.55
N TYR A 13 6.81 1.60 -5.58
CA TYR A 13 5.71 0.73 -5.20
C TYR A 13 4.87 1.35 -4.08
N MET A 14 3.71 1.88 -4.45
CA MET A 14 2.82 2.51 -3.47
C MET A 14 1.41 1.93 -3.58
N CYS A 15 0.90 1.41 -2.46
CA CYS A 15 -0.44 0.83 -2.43
C CYS A 15 -1.50 1.89 -2.74
N ASN A 16 -2.51 1.50 -3.49
CA ASN A 16 -3.59 2.41 -3.85
C ASN A 16 -4.82 2.19 -2.98
N GLU A 17 -5.00 0.95 -2.52
CA GLU A 17 -6.13 0.60 -1.68
C GLU A 17 -6.23 1.55 -0.49
N CYS A 18 -5.10 1.79 0.18
CA CYS A 18 -5.07 2.68 1.33
C CYS A 18 -4.20 3.90 1.04
N GLY A 19 -3.02 3.67 0.46
CA GLY A 19 -2.13 4.76 0.15
C GLY A 19 -0.82 4.67 0.91
N LYS A 20 -0.10 3.57 0.73
CA LYS A 20 1.17 3.37 1.40
C LYS A 20 2.33 3.40 0.41
N ALA A 21 3.55 3.19 0.91
CA ALA A 21 4.73 3.18 0.06
C ALA A 21 5.77 2.19 0.58
N PHE A 22 6.25 1.33 -0.32
CA PHE A 22 7.24 0.33 0.05
C PHE A 22 8.44 0.38 -0.90
N SER A 23 9.62 0.11 -0.37
CA SER A 23 10.85 0.14 -1.16
C SER A 23 10.93 -1.09 -2.06
N VAL A 24 10.58 -2.25 -1.50
CA VAL A 24 10.61 -3.50 -2.25
C VAL A 24 9.32 -3.72 -3.01
N TYR A 25 9.42 -4.43 -4.14
CA TYR A 25 8.25 -4.70 -4.97
C TYR A 25 7.30 -5.67 -4.27
N SER A 26 7.81 -6.85 -3.93
CA SER A 26 7.01 -7.87 -3.25
C SER A 26 6.36 -7.30 -1.99
N SER A 27 7.14 -6.53 -1.23
CA SER A 27 6.65 -5.94 0.01
C SER A 27 5.29 -5.28 -0.21
N LEU A 28 5.16 -4.55 -1.31
CA LEU A 28 3.91 -3.87 -1.63
C LEU A 28 2.76 -4.86 -1.73
N THR A 29 3.00 -5.95 -2.45
CA THR A 29 1.97 -6.98 -2.63
C THR A 29 1.68 -7.69 -1.31
N THR A 30 2.72 -7.98 -0.55
CA THR A 30 2.56 -8.64 0.74
C THR A 30 1.69 -7.83 1.68
N HIS A 31 1.53 -6.55 1.38
CA HIS A 31 0.71 -5.66 2.20
C HIS A 31 -0.72 -5.60 1.68
N GLN A 32 -0.85 -5.48 0.36
CA GLN A 32 -2.18 -5.41 -0.27
C GLN A 32 -3.07 -6.54 0.22
N VAL A 33 -2.45 -7.56 0.80
CA VAL A 33 -3.20 -8.71 1.32
C VAL A 33 -4.22 -8.28 2.36
N ILE A 34 -4.09 -7.05 2.83
CA ILE A 34 -5.00 -6.51 3.84
C ILE A 34 -6.26 -5.96 3.20
N HIS A 35 -6.29 -5.94 1.87
CA HIS A 35 -7.44 -5.43 1.13
C HIS A 35 -8.09 -6.55 0.32
N THR A 36 -7.77 -7.79 0.66
CA THR A 36 -8.32 -8.94 -0.03
C THR A 36 -8.97 -9.92 0.95
N GLY A 37 -10.24 -9.66 1.28
CA GLY A 37 -10.95 -10.52 2.21
C GLY A 37 -12.14 -9.83 2.84
N GLU A 38 -13.29 -10.49 2.82
CA GLU A 38 -14.51 -9.92 3.39
C GLU A 38 -14.35 -9.72 4.90
N LYS A 39 -14.83 -8.59 5.39
CA LYS A 39 -14.74 -8.26 6.80
C LYS A 39 -16.13 -8.28 7.45
N PRO A 40 -16.18 -8.65 8.74
CA PRO A 40 -17.43 -8.71 9.50
C PRO A 40 -18.01 -7.33 9.78
N SER A 41 -17.25 -6.30 9.43
CA SER A 41 -17.69 -4.92 9.64
C SER A 41 -18.45 -4.40 8.44
N GLY A 42 -17.84 -4.51 7.26
CA GLY A 42 -18.47 -4.05 6.04
C GLY A 42 -17.72 -2.89 5.41
N PRO A 43 -18.17 -1.66 5.73
CA PRO A 43 -17.55 -0.44 5.19
C PRO A 43 -16.15 -0.20 5.76
N SER A 44 -15.14 -0.43 4.94
CA SER A 44 -13.76 -0.25 5.36
C SER A 44 -13.19 1.04 4.78
N SER A 45 -12.25 1.65 5.51
CA SER A 45 -11.62 2.89 5.07
C SER A 45 -10.13 2.70 4.82
N GLY A 46 -9.76 2.52 3.56
CA GLY A 46 -8.37 2.31 3.21
C GLY A 46 -7.83 1.00 3.74
N GLY A 1 3.07 26.87 8.24
CA GLY A 1 2.88 25.44 8.42
C GLY A 1 4.13 24.64 8.12
N SER A 2 3.98 23.33 7.99
CA SER A 2 5.11 22.45 7.71
C SER A 2 4.62 21.07 7.26
N SER A 3 5.53 20.31 6.66
CA SER A 3 5.20 18.97 6.18
C SER A 3 6.40 18.04 6.26
N GLY A 4 6.15 16.77 6.54
CA GLY A 4 7.23 15.80 6.65
C GLY A 4 6.78 14.52 7.31
N SER A 5 5.89 13.78 6.65
CA SER A 5 5.38 12.52 7.19
C SER A 5 6.39 11.40 6.98
N SER A 6 7.37 11.31 7.87
CA SER A 6 8.41 10.28 7.77
C SER A 6 8.75 9.98 6.32
N GLY A 7 8.87 11.03 5.51
CA GLY A 7 9.19 10.86 4.11
C GLY A 7 10.57 11.39 3.75
N THR A 8 11.58 10.55 3.90
CA THR A 8 12.95 10.94 3.60
C THR A 8 13.19 10.99 2.10
N GLY A 9 12.68 9.99 1.39
CA GLY A 9 12.85 9.93 -0.05
C GLY A 9 11.55 9.63 -0.77
N VAL A 10 11.53 8.54 -1.53
CA VAL A 10 10.34 8.14 -2.28
C VAL A 10 10.48 6.73 -2.82
N LYS A 11 9.38 5.99 -2.81
CA LYS A 11 9.38 4.61 -3.31
C LYS A 11 8.48 4.48 -4.54
N PRO A 12 8.92 3.65 -5.49
CA PRO A 12 8.16 3.41 -6.73
C PRO A 12 6.89 2.62 -6.50
N TYR A 13 6.97 1.62 -5.62
CA TYR A 13 5.82 0.78 -5.31
C TYR A 13 4.97 1.42 -4.22
N MET A 14 3.77 1.88 -4.59
CA MET A 14 2.86 2.51 -3.65
C MET A 14 1.47 1.91 -3.76
N CYS A 15 0.79 1.78 -2.62
CA CYS A 15 -0.55 1.21 -2.59
C CYS A 15 -1.60 2.31 -2.73
N ASN A 16 -2.66 2.01 -3.48
CA ASN A 16 -3.74 2.97 -3.71
C ASN A 16 -4.91 2.69 -2.77
N GLU A 17 -5.14 1.42 -2.48
CA GLU A 17 -6.23 1.02 -1.60
C GLU A 17 -6.29 1.92 -0.36
N CYS A 18 -5.17 2.00 0.36
CA CYS A 18 -5.09 2.82 1.56
C CYS A 18 -4.21 4.04 1.33
N GLY A 19 -3.09 3.83 0.64
CA GLY A 19 -2.17 4.92 0.37
C GLY A 19 -0.86 4.77 1.10
N LYS A 20 -0.15 3.68 0.85
CA LYS A 20 1.13 3.42 1.50
C LYS A 20 2.26 3.40 0.47
N ALA A 21 3.48 3.17 0.95
CA ALA A 21 4.63 3.12 0.07
C ALA A 21 5.62 2.04 0.54
N PHE A 22 6.27 1.39 -0.42
CA PHE A 22 7.24 0.34 -0.12
C PHE A 22 8.39 0.36 -1.12
N SER A 23 9.60 0.12 -0.62
CA SER A 23 10.79 0.12 -1.46
C SER A 23 10.88 -1.18 -2.26
N VAL A 24 10.50 -2.28 -1.63
CA VAL A 24 10.54 -3.59 -2.27
C VAL A 24 9.23 -3.88 -3.01
N TYR A 25 9.34 -4.46 -4.19
CA TYR A 25 8.16 -4.78 -4.99
C TYR A 25 7.26 -5.77 -4.26
N SER A 26 7.86 -6.82 -3.70
CA SER A 26 7.11 -7.84 -2.97
C SER A 26 6.40 -7.23 -1.78
N SER A 27 7.09 -6.36 -1.05
CA SER A 27 6.53 -5.70 0.13
C SER A 27 5.14 -5.15 -0.18
N LEU A 28 4.98 -4.59 -1.38
CA LEU A 28 3.70 -4.03 -1.79
C LEU A 28 2.61 -5.10 -1.81
N THR A 29 2.91 -6.22 -2.45
CA THR A 29 1.96 -7.32 -2.55
C THR A 29 1.70 -7.93 -1.18
N THR A 30 2.75 -8.07 -0.38
CA THR A 30 2.63 -8.64 0.95
C THR A 30 1.66 -7.83 1.82
N HIS A 31 1.59 -6.53 1.54
CA HIS A 31 0.70 -5.65 2.30
C HIS A 31 -0.70 -5.66 1.70
N GLN A 32 -0.79 -5.55 0.39
CA GLN A 32 -2.08 -5.55 -0.30
C GLN A 32 -2.95 -6.70 0.18
N VAL A 33 -2.33 -7.70 0.80
CA VAL A 33 -3.05 -8.86 1.31
C VAL A 33 -4.13 -8.43 2.30
N ILE A 34 -4.05 -7.19 2.76
CA ILE A 34 -5.02 -6.66 3.71
C ILE A 34 -6.27 -6.15 2.99
N HIS A 35 -6.13 -5.86 1.70
CA HIS A 35 -7.24 -5.36 0.90
C HIS A 35 -7.91 -6.50 0.14
N THR A 36 -7.13 -7.53 -0.19
CA THR A 36 -7.65 -8.68 -0.93
C THR A 36 -7.34 -9.98 -0.19
N GLY A 37 -8.36 -10.57 0.42
CA GLY A 37 -8.17 -11.80 1.15
C GLY A 37 -7.92 -12.98 0.23
N GLU A 38 -8.06 -14.19 0.77
CA GLU A 38 -7.84 -15.40 -0.01
C GLU A 38 -9.14 -15.93 -0.59
N LYS A 39 -9.50 -15.45 -1.78
CA LYS A 39 -10.72 -15.87 -2.44
C LYS A 39 -10.43 -16.80 -3.61
N PRO A 40 -11.26 -17.83 -3.78
CA PRO A 40 -11.10 -18.81 -4.86
C PRO A 40 -11.41 -18.21 -6.23
N SER A 41 -11.84 -16.96 -6.24
CA SER A 41 -12.17 -16.27 -7.48
C SER A 41 -11.19 -15.15 -7.76
N GLY A 42 -10.52 -15.22 -8.91
CA GLY A 42 -9.56 -14.20 -9.28
C GLY A 42 -10.04 -13.33 -10.42
N PRO A 43 -9.63 -13.69 -11.65
CA PRO A 43 -10.01 -12.94 -12.86
C PRO A 43 -11.50 -13.10 -13.19
N SER A 44 -12.34 -12.32 -12.50
CA SER A 44 -13.77 -12.38 -12.73
C SER A 44 -14.41 -11.02 -12.51
N SER A 45 -15.67 -10.88 -12.92
CA SER A 45 -16.40 -9.62 -12.76
C SER A 45 -16.76 -9.38 -11.30
N GLY A 46 -17.38 -8.23 -11.05
CA GLY A 46 -17.78 -7.89 -9.69
C GLY A 46 -18.49 -9.02 -8.99
N GLY A 1 -0.12 33.73 -1.35
CA GLY A 1 0.50 32.51 -1.85
C GLY A 1 0.27 31.33 -0.94
N SER A 2 -0.32 30.26 -1.49
CA SER A 2 -0.60 29.06 -0.71
C SER A 2 -0.05 27.81 -1.40
N SER A 3 0.97 27.22 -0.81
CA SER A 3 1.59 26.02 -1.37
C SER A 3 1.97 25.04 -0.27
N GLY A 4 2.03 23.76 -0.63
CA GLY A 4 2.39 22.74 0.34
C GLY A 4 2.76 21.42 -0.32
N SER A 5 3.88 21.43 -1.05
CA SER A 5 4.35 20.23 -1.73
C SER A 5 5.77 19.87 -1.30
N SER A 6 5.88 19.04 -0.27
CA SER A 6 7.18 18.63 0.25
C SER A 6 7.05 17.39 1.11
N GLY A 7 8.17 16.70 1.32
CA GLY A 7 8.16 15.49 2.13
C GLY A 7 8.80 14.32 1.42
N THR A 8 8.12 13.18 1.42
CA THR A 8 8.61 11.98 0.77
C THR A 8 7.49 11.16 0.15
N GLY A 9 7.47 11.08 -1.17
CA GLY A 9 6.43 10.33 -1.85
C GLY A 9 6.74 10.12 -3.32
N VAL A 10 7.82 9.40 -3.60
CA VAL A 10 8.22 9.12 -4.97
C VAL A 10 8.37 7.63 -5.22
N LYS A 11 8.40 6.85 -4.14
CA LYS A 11 8.53 5.41 -4.23
C LYS A 11 7.70 4.86 -5.38
N PRO A 12 8.23 3.83 -6.06
CA PRO A 12 7.55 3.20 -7.20
C PRO A 12 6.33 2.39 -6.76
N TYR A 13 6.53 1.52 -5.77
CA TYR A 13 5.45 0.69 -5.26
C TYR A 13 4.66 1.43 -4.18
N MET A 14 3.56 2.07 -4.58
CA MET A 14 2.72 2.80 -3.65
C MET A 14 1.26 2.34 -3.74
N CYS A 15 0.76 1.77 -2.66
CA CYS A 15 -0.62 1.28 -2.62
C CYS A 15 -1.60 2.43 -2.79
N ASN A 16 -2.71 2.15 -3.46
CA ASN A 16 -3.74 3.16 -3.69
C ASN A 16 -4.93 2.95 -2.78
N GLU A 17 -5.11 1.71 -2.32
CA GLU A 17 -6.21 1.38 -1.43
C GLU A 17 -6.16 2.21 -0.15
N CYS A 18 -4.99 2.24 0.48
CA CYS A 18 -4.81 3.02 1.70
C CYS A 18 -3.85 4.18 1.48
N GLY A 19 -2.76 3.91 0.78
CA GLY A 19 -1.78 4.94 0.50
C GLY A 19 -0.47 4.71 1.22
N LYS A 20 0.10 3.52 1.03
CA LYS A 20 1.37 3.17 1.66
C LYS A 20 2.46 2.95 0.62
N ALA A 21 3.63 3.53 0.87
CA ALA A 21 4.76 3.40 -0.05
C ALA A 21 5.74 2.33 0.44
N PHE A 22 6.20 1.50 -0.49
CA PHE A 22 7.14 0.43 -0.16
C PHE A 22 8.31 0.44 -1.12
N SER A 23 9.51 0.19 -0.59
CA SER A 23 10.72 0.16 -1.40
C SER A 23 10.90 -1.20 -2.06
N VAL A 24 10.35 -2.23 -1.43
CA VAL A 24 10.46 -3.59 -1.95
C VAL A 24 9.18 -3.99 -2.69
N TYR A 25 9.36 -4.45 -3.92
CA TYR A 25 8.22 -4.87 -4.74
C TYR A 25 7.35 -5.87 -3.99
N SER A 26 7.99 -6.90 -3.44
CA SER A 26 7.27 -7.93 -2.70
C SER A 26 6.46 -7.33 -1.56
N SER A 27 7.08 -6.41 -0.83
CA SER A 27 6.41 -5.75 0.29
C SER A 27 5.05 -5.22 -0.12
N LEU A 28 4.98 -4.67 -1.33
CA LEU A 28 3.73 -4.12 -1.84
C LEU A 28 2.65 -5.20 -1.90
N THR A 29 2.99 -6.34 -2.48
CA THR A 29 2.04 -7.45 -2.59
C THR A 29 1.73 -8.04 -1.22
N THR A 30 2.74 -8.16 -0.38
CA THR A 30 2.58 -8.72 0.95
C THR A 30 1.66 -7.84 1.80
N HIS A 31 1.60 -6.56 1.46
CA HIS A 31 0.76 -5.62 2.20
C HIS A 31 -0.66 -5.62 1.65
N GLN A 32 -0.78 -5.53 0.32
CA GLN A 32 -2.09 -5.52 -0.33
C GLN A 32 -2.92 -6.73 0.10
N VAL A 33 -2.26 -7.71 0.71
CA VAL A 33 -2.93 -8.91 1.17
C VAL A 33 -4.12 -8.57 2.06
N ILE A 34 -4.10 -7.38 2.63
CA ILE A 34 -5.18 -6.92 3.51
C ILE A 34 -6.30 -6.28 2.71
N HIS A 35 -5.99 -5.84 1.50
CA HIS A 35 -6.97 -5.20 0.63
C HIS A 35 -7.72 -6.25 -0.21
N THR A 36 -7.03 -7.34 -0.50
CA THR A 36 -7.62 -8.42 -1.29
C THR A 36 -7.95 -9.63 -0.44
N GLY A 37 -8.56 -9.38 0.72
CA GLY A 37 -8.90 -10.47 1.62
C GLY A 37 -9.99 -10.07 2.61
N GLU A 38 -9.61 -9.29 3.61
CA GLU A 38 -10.56 -8.84 4.63
C GLU A 38 -11.88 -8.41 4.00
N LYS A 39 -12.98 -8.85 4.58
CA LYS A 39 -14.31 -8.51 4.08
C LYS A 39 -14.76 -7.15 4.62
N PRO A 40 -15.56 -6.43 3.81
CA PRO A 40 -16.08 -5.12 4.19
C PRO A 40 -17.11 -5.20 5.31
N SER A 41 -16.67 -4.96 6.53
CA SER A 41 -17.55 -5.01 7.70
C SER A 41 -18.82 -4.19 7.44
N GLY A 42 -19.97 -4.86 7.44
CA GLY A 42 -21.22 -4.17 7.22
C GLY A 42 -22.37 -4.84 7.95
N PRO A 43 -22.99 -5.85 7.31
CA PRO A 43 -24.11 -6.59 7.88
C PRO A 43 -23.70 -7.45 9.06
N SER A 44 -24.69 -7.94 9.81
CA SER A 44 -24.43 -8.78 10.97
C SER A 44 -24.22 -10.24 10.56
N SER A 45 -25.09 -10.72 9.66
CA SER A 45 -24.99 -12.09 9.19
C SER A 45 -23.54 -12.51 9.01
N GLY A 46 -23.13 -13.52 9.78
CA GLY A 46 -21.76 -14.01 9.70
C GLY A 46 -20.92 -13.58 10.88
N GLY A 1 -6.35 14.87 13.49
CA GLY A 1 -4.97 14.98 13.92
C GLY A 1 -3.99 14.75 12.79
N SER A 2 -2.81 15.36 12.90
CA SER A 2 -1.78 15.22 11.88
C SER A 2 -0.39 15.19 12.50
N SER A 3 0.62 14.98 11.66
CA SER A 3 2.00 14.92 12.14
C SER A 3 2.98 14.97 10.96
N GLY A 4 4.27 15.03 11.28
CA GLY A 4 5.28 15.09 10.25
C GLY A 4 6.22 13.90 10.27
N SER A 5 7.24 13.93 9.43
CA SER A 5 8.20 12.83 9.36
C SER A 5 9.56 13.34 8.88
N SER A 6 10.62 12.82 9.50
CA SER A 6 11.98 13.23 9.13
C SER A 6 12.68 12.13 8.34
N GLY A 7 13.48 12.53 7.37
CA GLY A 7 14.20 11.56 6.56
C GLY A 7 13.27 10.68 5.75
N THR A 8 12.63 11.26 4.74
CA THR A 8 11.71 10.51 3.89
C THR A 8 11.91 10.85 2.42
N GLY A 9 11.57 9.91 1.54
CA GLY A 9 11.73 10.13 0.12
C GLY A 9 10.54 9.62 -0.68
N VAL A 10 10.79 9.22 -1.93
CA VAL A 10 9.73 8.72 -2.78
C VAL A 10 9.99 7.27 -3.19
N LYS A 11 8.91 6.51 -3.37
CA LYS A 11 9.03 5.11 -3.76
C LYS A 11 8.03 4.78 -4.87
N PRO A 12 8.46 3.90 -5.80
CA PRO A 12 7.62 3.47 -6.92
C PRO A 12 6.45 2.59 -6.47
N TYR A 13 6.76 1.59 -5.66
CA TYR A 13 5.73 0.67 -5.17
C TYR A 13 4.90 1.32 -4.06
N MET A 14 3.73 1.83 -4.44
CA MET A 14 2.85 2.49 -3.47
C MET A 14 1.41 1.97 -3.63
N CYS A 15 0.87 1.44 -2.54
CA CYS A 15 -0.49 0.91 -2.55
C CYS A 15 -1.50 2.04 -2.78
N ASN A 16 -2.60 1.70 -3.45
CA ASN A 16 -3.64 2.68 -3.74
C ASN A 16 -4.88 2.42 -2.89
N GLU A 17 -5.02 1.18 -2.42
CA GLU A 17 -6.16 0.80 -1.59
C GLU A 17 -6.22 1.66 -0.33
N CYS A 18 -5.06 2.06 0.16
CA CYS A 18 -4.98 2.89 1.36
C CYS A 18 -4.05 4.08 1.15
N GLY A 19 -2.86 3.81 0.59
CA GLY A 19 -1.91 4.87 0.33
C GLY A 19 -0.59 4.64 1.05
N LYS A 20 -0.10 3.39 0.99
CA LYS A 20 1.15 3.05 1.64
C LYS A 20 2.29 2.97 0.62
N ALA A 21 3.48 3.37 1.04
CA ALA A 21 4.65 3.34 0.16
C ALA A 21 5.65 2.26 0.61
N PHE A 22 6.25 1.59 -0.36
CA PHE A 22 7.22 0.54 -0.08
C PHE A 22 8.39 0.59 -1.05
N SER A 23 9.53 0.05 -0.64
CA SER A 23 10.72 0.05 -1.47
C SER A 23 10.85 -1.26 -2.24
N VAL A 24 10.47 -2.36 -1.59
CA VAL A 24 10.53 -3.67 -2.22
C VAL A 24 9.19 -4.06 -2.83
N TYR A 25 9.23 -4.49 -4.08
CA TYR A 25 8.01 -4.88 -4.79
C TYR A 25 7.22 -5.91 -3.98
N SER A 26 7.94 -6.83 -3.35
CA SER A 26 7.29 -7.86 -2.54
C SER A 26 6.50 -7.25 -1.39
N SER A 27 7.05 -6.20 -0.79
CA SER A 27 6.41 -5.52 0.33
C SER A 27 5.07 -4.91 -0.12
N LEU A 28 4.96 -4.65 -1.41
CA LEU A 28 3.74 -4.06 -1.96
C LEU A 28 2.67 -5.12 -2.17
N THR A 29 3.08 -6.26 -2.72
CA THR A 29 2.16 -7.36 -2.98
C THR A 29 1.83 -8.12 -1.69
N THR A 30 2.68 -7.97 -0.70
CA THR A 30 2.49 -8.64 0.59
C THR A 30 1.55 -7.84 1.49
N HIS A 31 1.59 -6.52 1.34
CA HIS A 31 0.73 -5.64 2.14
C HIS A 31 -0.68 -5.59 1.57
N GLN A 32 -0.79 -5.47 0.26
CA GLN A 32 -2.08 -5.41 -0.41
C GLN A 32 -3.00 -6.52 0.08
N VAL A 33 -2.40 -7.55 0.70
CA VAL A 33 -3.16 -8.67 1.22
C VAL A 33 -4.25 -8.20 2.17
N ILE A 34 -3.96 -7.18 2.96
CA ILE A 34 -4.92 -6.64 3.90
C ILE A 34 -6.09 -5.98 3.18
N HIS A 35 -6.01 -5.93 1.85
CA HIS A 35 -7.06 -5.33 1.04
C HIS A 35 -7.79 -6.39 0.22
N THR A 36 -7.15 -7.55 0.07
CA THR A 36 -7.72 -8.65 -0.70
C THR A 36 -8.44 -9.64 0.22
N GLY A 37 -9.27 -9.12 1.11
CA GLY A 37 -10.00 -9.97 2.03
C GLY A 37 -11.45 -9.54 2.20
N GLU A 38 -12.19 -10.28 3.02
CA GLU A 38 -13.60 -9.97 3.26
C GLU A 38 -13.79 -9.39 4.66
N LYS A 39 -13.98 -8.07 4.72
CA LYS A 39 -14.18 -7.39 5.99
C LYS A 39 -14.91 -6.07 5.79
N PRO A 40 -15.73 -5.69 6.78
CA PRO A 40 -16.50 -4.44 6.73
C PRO A 40 -15.62 -3.20 6.86
N SER A 41 -14.70 -3.25 7.83
CA SER A 41 -13.80 -2.13 8.07
C SER A 41 -12.76 -2.49 9.13
N GLY A 42 -11.52 -2.04 8.91
CA GLY A 42 -10.47 -2.32 9.86
C GLY A 42 -9.84 -1.06 10.43
N PRO A 43 -10.62 -0.32 11.23
CA PRO A 43 -10.15 0.93 11.85
C PRO A 43 -9.09 0.69 12.92
N SER A 44 -9.37 -0.26 13.82
CA SER A 44 -8.43 -0.59 14.90
C SER A 44 -6.99 -0.61 14.39
N SER A 45 -6.16 0.24 14.97
CA SER A 45 -4.76 0.33 14.57
C SER A 45 -4.16 -1.07 14.41
N GLY A 46 -3.85 -1.43 13.16
CA GLY A 46 -3.28 -2.73 12.90
C GLY A 46 -3.24 -3.06 11.41
N GLY A 1 -6.11 14.75 14.54
CA GLY A 1 -5.36 14.22 13.41
C GLY A 1 -4.33 15.20 12.89
N SER A 2 -3.16 14.70 12.52
CA SER A 2 -2.09 15.54 12.00
C SER A 2 -1.67 15.08 10.60
N SER A 3 -1.11 16.00 9.83
CA SER A 3 -0.67 15.70 8.48
C SER A 3 0.86 15.68 8.40
N GLY A 4 1.39 14.93 7.43
CA GLY A 4 2.82 14.83 7.26
C GLY A 4 3.21 14.22 5.93
N SER A 5 2.65 14.76 4.85
CA SER A 5 2.94 14.26 3.52
C SER A 5 4.40 14.47 3.17
N SER A 6 4.90 15.68 3.41
CA SER A 6 6.28 16.02 3.12
C SER A 6 7.22 14.90 3.59
N GLY A 7 7.80 14.18 2.63
CA GLY A 7 8.71 13.10 2.97
C GLY A 7 9.25 12.39 1.74
N THR A 8 9.93 11.27 1.95
CA THR A 8 10.50 10.50 0.86
C THR A 8 9.45 9.62 0.19
N GLY A 9 8.32 10.23 -0.17
CA GLY A 9 7.25 9.48 -0.81
C GLY A 9 7.44 9.37 -2.31
N VAL A 10 8.65 9.03 -2.73
CA VAL A 10 8.96 8.89 -4.15
C VAL A 10 8.99 7.41 -4.56
N LYS A 11 8.99 6.52 -3.57
CA LYS A 11 9.01 5.09 -3.84
C LYS A 11 8.05 4.72 -4.96
N PRO A 12 8.50 3.86 -5.88
CA PRO A 12 7.70 3.41 -7.01
C PRO A 12 6.54 2.51 -6.58
N TYR A 13 6.81 1.65 -5.62
CA TYR A 13 5.79 0.72 -5.12
C TYR A 13 4.93 1.39 -4.05
N MET A 14 3.77 1.88 -4.46
CA MET A 14 2.86 2.54 -3.53
C MET A 14 1.44 1.99 -3.68
N CYS A 15 0.84 1.61 -2.55
CA CYS A 15 -0.52 1.06 -2.56
C CYS A 15 -1.53 2.15 -2.90
N ASN A 16 -2.60 1.75 -3.59
CA ASN A 16 -3.65 2.68 -3.98
C ASN A 16 -4.90 2.49 -3.12
N GLU A 17 -5.04 1.29 -2.56
CA GLU A 17 -6.19 0.99 -1.71
C GLU A 17 -6.27 1.94 -0.53
N CYS A 18 -5.14 2.13 0.16
CA CYS A 18 -5.08 3.02 1.31
C CYS A 18 -4.16 4.20 1.03
N GLY A 19 -2.99 3.92 0.44
CA GLY A 19 -2.04 4.97 0.14
C GLY A 19 -0.76 4.82 0.93
N LYS A 20 -0.08 3.69 0.75
CA LYS A 20 1.18 3.43 1.44
C LYS A 20 2.35 3.45 0.47
N ALA A 21 3.56 3.28 1.00
CA ALA A 21 4.76 3.27 0.19
C ALA A 21 5.75 2.21 0.66
N PHE A 22 6.23 1.39 -0.27
CA PHE A 22 7.18 0.33 0.06
C PHE A 22 8.41 0.42 -0.82
N SER A 23 9.52 -0.17 -0.35
CA SER A 23 10.77 -0.15 -1.10
C SER A 23 10.87 -1.37 -2.02
N VAL A 24 10.58 -2.54 -1.47
CA VAL A 24 10.63 -3.79 -2.22
C VAL A 24 9.33 -4.02 -2.98
N TYR A 25 9.45 -4.54 -4.20
CA TYR A 25 8.29 -4.81 -5.04
C TYR A 25 7.32 -5.75 -4.33
N SER A 26 7.88 -6.70 -3.57
CA SER A 26 7.06 -7.66 -2.85
C SER A 26 6.35 -7.01 -1.67
N SER A 27 7.10 -6.21 -0.90
CA SER A 27 6.54 -5.52 0.25
C SER A 27 5.22 -4.85 -0.10
N LEU A 28 5.03 -4.58 -1.38
CA LEU A 28 3.80 -3.94 -1.86
C LEU A 28 2.69 -4.96 -2.03
N THR A 29 3.02 -6.12 -2.58
CA THR A 29 2.04 -7.18 -2.80
C THR A 29 1.66 -7.85 -1.48
N THR A 30 2.65 -8.07 -0.62
CA THR A 30 2.41 -8.70 0.67
C THR A 30 1.46 -7.87 1.52
N HIS A 31 1.50 -6.55 1.34
CA HIS A 31 0.65 -5.64 2.09
C HIS A 31 -0.79 -5.70 1.57
N GLN A 32 -0.94 -5.55 0.25
CA GLN A 32 -2.26 -5.57 -0.37
C GLN A 32 -3.09 -6.74 0.17
N VAL A 33 -2.41 -7.74 0.71
CA VAL A 33 -3.09 -8.92 1.26
C VAL A 33 -4.20 -8.51 2.22
N ILE A 34 -3.94 -7.47 3.01
CA ILE A 34 -4.92 -6.98 3.96
C ILE A 34 -6.13 -6.39 3.25
N HIS A 35 -5.92 -5.93 2.03
CA HIS A 35 -6.99 -5.33 1.24
C HIS A 35 -7.81 -6.41 0.53
N THR A 36 -7.24 -7.60 0.40
CA THR A 36 -7.91 -8.70 -0.26
C THR A 36 -7.97 -9.92 0.65
N GLY A 37 -8.98 -9.98 1.51
CA GLY A 37 -9.13 -11.10 2.42
C GLY A 37 -9.71 -12.32 1.74
N GLU A 38 -10.99 -12.24 1.37
CA GLU A 38 -11.67 -13.34 0.71
C GLU A 38 -11.49 -13.27 -0.81
N LYS A 39 -11.53 -14.43 -1.46
CA LYS A 39 -11.38 -14.49 -2.91
C LYS A 39 -12.68 -14.11 -3.62
N PRO A 40 -12.55 -13.43 -4.77
CA PRO A 40 -13.70 -12.99 -5.56
C PRO A 40 -14.42 -14.15 -6.23
N SER A 41 -15.51 -13.85 -6.93
CA SER A 41 -16.29 -14.88 -7.61
C SER A 41 -15.46 -15.57 -8.68
N GLY A 42 -15.43 -16.91 -8.63
CA GLY A 42 -14.67 -17.67 -9.60
C GLY A 42 -15.29 -19.02 -9.88
N PRO A 43 -16.31 -19.05 -10.74
CA PRO A 43 -17.01 -20.27 -11.12
C PRO A 43 -16.14 -21.20 -11.97
N SER A 44 -16.51 -22.48 -12.01
CA SER A 44 -15.77 -23.46 -12.79
C SER A 44 -15.34 -22.88 -14.14
N SER A 45 -14.28 -23.43 -14.71
CA SER A 45 -13.78 -22.97 -16.00
C SER A 45 -14.88 -22.97 -17.05
N GLY A 46 -15.09 -21.83 -17.69
CA GLY A 46 -16.11 -21.72 -18.71
C GLY A 46 -15.63 -21.01 -19.96
N GLY A 1 6.80 26.92 3.74
CA GLY A 1 5.71 26.29 4.44
C GLY A 1 5.98 24.83 4.76
N SER A 2 5.62 23.94 3.84
CA SER A 2 5.83 22.51 4.04
C SER A 2 7.09 22.05 3.31
N SER A 3 8.15 21.80 4.07
CA SER A 3 9.41 21.36 3.50
C SER A 3 9.85 20.03 4.12
N GLY A 4 10.94 19.47 3.60
CA GLY A 4 11.44 18.21 4.11
C GLY A 4 12.96 18.14 4.10
N SER A 5 13.51 17.23 4.89
CA SER A 5 14.96 17.07 4.97
C SER A 5 15.47 16.21 3.83
N SER A 6 15.07 16.54 2.61
CA SER A 6 15.48 15.79 1.43
C SER A 6 15.63 14.31 1.76
N GLY A 7 14.66 13.77 2.50
CA GLY A 7 14.70 12.37 2.86
C GLY A 7 13.50 11.60 2.35
N THR A 8 13.18 11.77 1.07
CA THR A 8 12.04 11.09 0.47
C THR A 8 12.47 9.80 -0.23
N GLY A 9 12.57 8.73 0.54
CA GLY A 9 12.96 7.45 -0.02
C GLY A 9 12.24 7.12 -1.31
N VAL A 10 12.98 6.63 -2.30
CA VAL A 10 12.39 6.28 -3.59
C VAL A 10 11.48 5.06 -3.47
N LYS A 11 10.21 5.31 -3.19
CA LYS A 11 9.23 4.24 -3.05
C LYS A 11 8.25 4.24 -4.22
N PRO A 12 8.64 3.60 -5.32
CA PRO A 12 7.79 3.51 -6.52
C PRO A 12 6.58 2.63 -6.32
N TYR A 13 6.78 1.49 -5.66
CA TYR A 13 5.69 0.55 -5.39
C TYR A 13 4.86 1.00 -4.20
N MET A 14 3.78 1.73 -4.48
CA MET A 14 2.91 2.22 -3.41
C MET A 14 1.50 1.65 -3.58
N CYS A 15 0.80 1.49 -2.46
CA CYS A 15 -0.56 0.96 -2.47
C CYS A 15 -1.56 2.04 -2.82
N ASN A 16 -2.31 1.84 -3.89
CA ASN A 16 -3.32 2.81 -4.33
C ASN A 16 -4.69 2.45 -3.78
N GLU A 17 -4.73 2.01 -2.54
CA GLU A 17 -5.98 1.63 -1.89
C GLU A 17 -6.14 2.34 -0.55
N CYS A 18 -5.05 2.40 0.21
CA CYS A 18 -5.07 3.06 1.51
C CYS A 18 -4.16 4.29 1.53
N GLY A 19 -2.96 4.13 0.97
CA GLY A 19 -2.02 5.24 0.93
C GLY A 19 -0.68 4.88 1.53
N LYS A 20 -0.17 3.70 1.17
CA LYS A 20 1.12 3.24 1.66
C LYS A 20 2.18 3.26 0.57
N ALA A 21 3.44 3.17 0.97
CA ALA A 21 4.54 3.18 0.01
C ALA A 21 5.63 2.18 0.43
N PHE A 22 6.14 1.44 -0.54
CA PHE A 22 7.19 0.45 -0.29
C PHE A 22 8.29 0.54 -1.34
N SER A 23 9.48 0.08 -0.97
CA SER A 23 10.62 0.09 -1.89
C SER A 23 10.68 -1.19 -2.72
N VAL A 24 10.47 -2.32 -2.05
CA VAL A 24 10.51 -3.62 -2.73
C VAL A 24 9.12 -3.99 -3.25
N TYR A 25 9.09 -4.57 -4.44
CA TYR A 25 7.84 -4.98 -5.07
C TYR A 25 7.10 -5.99 -4.19
N SER A 26 7.87 -6.86 -3.54
CA SER A 26 7.28 -7.89 -2.67
C SER A 26 6.61 -7.24 -1.47
N SER A 27 7.29 -6.29 -0.84
CA SER A 27 6.76 -5.60 0.33
C SER A 27 5.39 -4.99 0.02
N LEU A 28 5.18 -4.61 -1.23
CA LEU A 28 3.92 -4.01 -1.65
C LEU A 28 2.81 -5.05 -1.65
N THR A 29 3.09 -6.23 -2.19
CA THR A 29 2.11 -7.31 -2.25
C THR A 29 1.77 -7.81 -0.85
N THR A 30 2.80 -8.05 -0.05
CA THR A 30 2.61 -8.55 1.31
C THR A 30 1.60 -7.70 2.07
N HIS A 31 1.54 -6.41 1.73
CA HIS A 31 0.61 -5.49 2.38
C HIS A 31 -0.75 -5.54 1.71
N GLN A 32 -0.76 -5.43 0.38
CA GLN A 32 -2.01 -5.47 -0.37
C GLN A 32 -2.86 -6.65 0.02
N VAL A 33 -2.24 -7.64 0.67
CA VAL A 33 -2.94 -8.83 1.12
C VAL A 33 -4.18 -8.47 1.93
N ILE A 34 -4.15 -7.29 2.55
CA ILE A 34 -5.26 -6.81 3.35
C ILE A 34 -6.40 -6.29 2.48
N HIS A 35 -6.05 -5.84 1.27
CA HIS A 35 -7.03 -5.31 0.34
C HIS A 35 -7.54 -6.41 -0.60
N THR A 36 -6.69 -7.39 -0.86
CA THR A 36 -7.05 -8.49 -1.74
C THR A 36 -6.90 -9.84 -1.03
N GLY A 37 -7.85 -10.15 -0.16
CA GLY A 37 -7.80 -11.40 0.57
C GLY A 37 -9.18 -11.95 0.87
N GLU A 38 -9.66 -11.72 2.08
CA GLU A 38 -10.98 -12.19 2.50
C GLU A 38 -12.09 -11.46 1.74
N LYS A 39 -12.69 -12.13 0.78
CA LYS A 39 -13.77 -11.55 -0.02
C LYS A 39 -15.13 -11.97 0.52
N PRO A 40 -16.10 -11.05 0.45
CA PRO A 40 -17.46 -11.30 0.93
C PRO A 40 -18.21 -12.29 0.04
N SER A 41 -18.52 -13.46 0.60
CA SER A 41 -19.23 -14.49 -0.14
C SER A 41 -20.73 -14.23 -0.14
N GLY A 42 -21.10 -12.97 -0.32
CA GLY A 42 -22.51 -12.60 -0.33
C GLY A 42 -22.73 -11.18 -0.80
N PRO A 43 -22.76 -10.98 -2.13
CA PRO A 43 -22.97 -9.67 -2.74
C PRO A 43 -24.39 -9.15 -2.54
N SER A 44 -24.52 -7.85 -2.29
CA SER A 44 -25.82 -7.23 -2.08
C SER A 44 -26.22 -6.38 -3.27
N SER A 45 -27.32 -6.75 -3.91
CA SER A 45 -27.81 -6.01 -5.07
C SER A 45 -27.84 -4.52 -4.80
N GLY A 46 -27.66 -3.72 -5.85
CA GLY A 46 -27.68 -2.28 -5.70
C GLY A 46 -26.48 -1.62 -6.34
N GLY A 1 14.39 24.83 -19.52
CA GLY A 1 14.72 23.89 -18.45
C GLY A 1 13.97 24.18 -17.18
N SER A 2 14.14 23.31 -16.18
CA SER A 2 13.46 23.46 -14.90
C SER A 2 14.29 22.87 -13.77
N SER A 3 14.01 23.32 -12.55
CA SER A 3 14.74 22.83 -11.37
C SER A 3 14.10 21.55 -10.84
N GLY A 4 12.80 21.60 -10.58
CA GLY A 4 12.10 20.44 -10.07
C GLY A 4 12.47 20.13 -8.64
N SER A 5 13.30 19.09 -8.46
CA SER A 5 13.72 18.69 -7.13
C SER A 5 15.23 18.45 -7.08
N SER A 6 15.85 18.81 -5.97
CA SER A 6 17.29 18.65 -5.80
C SER A 6 17.67 17.18 -5.74
N GLY A 7 16.99 16.44 -4.88
CA GLY A 7 17.28 15.00 -4.75
C GLY A 7 16.09 14.23 -4.21
N THR A 8 15.35 13.59 -5.10
CA THR A 8 14.19 12.81 -4.71
C THR A 8 14.30 11.36 -5.19
N GLY A 9 13.97 10.42 -4.31
CA GLY A 9 14.05 9.02 -4.67
C GLY A 9 12.94 8.60 -5.61
N VAL A 10 12.77 7.30 -5.78
CA VAL A 10 11.73 6.77 -6.66
C VAL A 10 11.08 5.53 -6.07
N LYS A 11 9.86 5.70 -5.57
CA LYS A 11 9.12 4.60 -4.96
C LYS A 11 7.88 4.26 -5.78
N PRO A 12 8.06 3.39 -6.79
CA PRO A 12 6.96 2.96 -7.67
C PRO A 12 5.94 2.08 -6.94
N TYR A 13 6.42 1.36 -5.92
CA TYR A 13 5.55 0.47 -5.15
C TYR A 13 4.75 1.26 -4.12
N MET A 14 3.57 1.72 -4.52
CA MET A 14 2.70 2.48 -3.63
C MET A 14 1.29 1.93 -3.64
N CYS A 15 0.69 1.81 -2.46
CA CYS A 15 -0.66 1.29 -2.33
C CYS A 15 -1.69 2.43 -2.32
N ASN A 16 -2.65 2.35 -3.22
CA ASN A 16 -3.69 3.37 -3.31
C ASN A 16 -4.90 3.00 -2.46
N GLU A 17 -5.06 1.70 -2.20
CA GLU A 17 -6.18 1.22 -1.40
C GLU A 17 -6.23 1.93 -0.05
N CYS A 18 -5.06 2.24 0.49
CA CYS A 18 -4.96 2.92 1.78
C CYS A 18 -3.99 4.09 1.70
N GLY A 19 -2.83 3.86 1.10
CA GLY A 19 -1.83 4.91 0.96
C GLY A 19 -0.55 4.57 1.70
N LYS A 20 0.22 3.63 1.16
CA LYS A 20 1.47 3.21 1.77
C LYS A 20 2.54 2.97 0.72
N ALA A 21 3.71 3.57 0.90
CA ALA A 21 4.82 3.41 -0.04
C ALA A 21 5.79 2.32 0.44
N PHE A 22 6.39 1.62 -0.51
CA PHE A 22 7.33 0.56 -0.20
C PHE A 22 8.54 0.61 -1.13
N SER A 23 9.69 0.20 -0.62
CA SER A 23 10.93 0.20 -1.40
C SER A 23 11.06 -1.08 -2.21
N VAL A 24 10.45 -2.16 -1.71
CA VAL A 24 10.49 -3.45 -2.38
C VAL A 24 9.11 -3.87 -2.86
N TYR A 25 9.05 -4.39 -4.09
CA TYR A 25 7.79 -4.83 -4.68
C TYR A 25 7.13 -5.90 -3.81
N SER A 26 7.96 -6.75 -3.19
CA SER A 26 7.45 -7.81 -2.33
C SER A 26 6.66 -7.25 -1.17
N SER A 27 7.17 -6.18 -0.57
CA SER A 27 6.51 -5.55 0.57
C SER A 27 5.15 -4.99 0.16
N LEU A 28 4.99 -4.73 -1.13
CA LEU A 28 3.73 -4.19 -1.65
C LEU A 28 2.70 -5.30 -1.84
N THR A 29 3.15 -6.43 -2.37
CA THR A 29 2.28 -7.57 -2.62
C THR A 29 1.94 -8.28 -1.32
N THR A 30 2.78 -8.10 -0.30
CA THR A 30 2.57 -8.72 1.00
C THR A 30 1.55 -7.94 1.82
N HIS A 31 1.57 -6.62 1.67
CA HIS A 31 0.64 -5.76 2.41
C HIS A 31 -0.70 -5.68 1.69
N GLN A 32 -0.66 -5.38 0.40
CA GLN A 32 -1.88 -5.27 -0.40
C GLN A 32 -2.81 -6.45 -0.13
N VAL A 33 -2.25 -7.54 0.38
CA VAL A 33 -3.04 -8.73 0.68
C VAL A 33 -4.21 -8.40 1.60
N ILE A 34 -4.13 -7.25 2.26
CA ILE A 34 -5.19 -6.82 3.16
C ILE A 34 -6.36 -6.21 2.39
N HIS A 35 -6.07 -5.72 1.19
CA HIS A 35 -7.10 -5.12 0.35
C HIS A 35 -7.64 -6.12 -0.66
N THR A 36 -6.79 -7.03 -1.10
CA THR A 36 -7.18 -8.05 -2.06
C THR A 36 -6.98 -9.45 -1.50
N GLY A 37 -7.92 -9.89 -0.67
CA GLY A 37 -7.83 -11.21 -0.08
C GLY A 37 -8.97 -12.11 -0.49
N GLU A 38 -9.36 -13.02 0.41
CA GLU A 38 -10.45 -13.95 0.12
C GLU A 38 -10.94 -14.62 1.40
N LYS A 39 -12.22 -15.00 1.41
CA LYS A 39 -12.81 -15.64 2.58
C LYS A 39 -13.92 -16.61 2.16
N PRO A 40 -14.03 -17.73 2.89
CA PRO A 40 -15.04 -18.76 2.61
C PRO A 40 -16.44 -18.29 2.95
N SER A 41 -16.61 -17.73 4.14
CA SER A 41 -17.92 -17.25 4.59
C SER A 41 -17.75 -16.13 5.61
N GLY A 42 -18.86 -15.48 5.95
CA GLY A 42 -18.82 -14.40 6.91
C GLY A 42 -19.37 -13.10 6.37
N PRO A 43 -19.60 -12.13 7.25
CA PRO A 43 -20.13 -10.82 6.87
C PRO A 43 -19.13 -9.99 6.07
N SER A 44 -19.61 -8.97 5.38
CA SER A 44 -18.75 -8.10 4.57
C SER A 44 -18.36 -6.85 5.35
N SER A 45 -17.35 -6.98 6.20
CA SER A 45 -16.88 -5.85 7.00
C SER A 45 -15.40 -5.57 6.73
N GLY A 46 -15.01 -4.32 6.93
CA GLY A 46 -13.62 -3.93 6.70
C GLY A 46 -12.84 -3.79 8.00
N GLY A 1 7.23 1.36 15.62
CA GLY A 1 8.20 2.34 15.18
C GLY A 1 8.56 2.18 13.72
N SER A 2 8.09 3.10 12.88
CA SER A 2 8.36 3.05 11.46
C SER A 2 8.59 4.46 10.89
N SER A 3 8.91 4.52 9.60
CA SER A 3 9.16 5.81 8.95
C SER A 3 10.25 6.59 9.68
N GLY A 4 11.34 5.90 10.00
CA GLY A 4 12.44 6.55 10.70
C GLY A 4 12.75 7.94 10.15
N SER A 5 12.89 8.02 8.83
CA SER A 5 13.19 9.30 8.19
C SER A 5 11.90 10.09 7.94
N SER A 6 11.94 11.38 8.27
CA SER A 6 10.78 12.24 8.09
C SER A 6 10.89 13.01 6.77
N GLY A 7 11.31 12.33 5.72
CA GLY A 7 11.45 12.96 4.43
C GLY A 7 11.82 11.98 3.33
N THR A 8 11.22 10.79 3.39
CA THR A 8 11.50 9.75 2.39
C THR A 8 11.25 10.27 0.98
N GLY A 9 12.11 9.86 0.05
CA GLY A 9 11.98 10.29 -1.33
C GLY A 9 10.72 9.74 -1.98
N VAL A 10 10.84 9.35 -3.25
CA VAL A 10 9.71 8.81 -3.99
C VAL A 10 9.95 7.35 -4.36
N LYS A 11 8.93 6.52 -4.17
CA LYS A 11 9.02 5.11 -4.48
C LYS A 11 7.91 4.68 -5.44
N PRO A 12 8.24 3.77 -6.37
CA PRO A 12 7.28 3.26 -7.35
C PRO A 12 6.21 2.37 -6.71
N TYR A 13 6.61 1.59 -5.73
CA TYR A 13 5.69 0.69 -5.04
C TYR A 13 4.87 1.45 -4.01
N MET A 14 3.73 1.98 -4.44
CA MET A 14 2.84 2.73 -3.57
C MET A 14 1.41 2.20 -3.64
N CYS A 15 0.98 1.51 -2.59
CA CYS A 15 -0.36 0.95 -2.54
C CYS A 15 -1.40 2.01 -2.87
N ASN A 16 -2.49 1.60 -3.51
CA ASN A 16 -3.57 2.51 -3.87
C ASN A 16 -4.77 2.33 -2.96
N GLU A 17 -4.94 1.11 -2.44
CA GLU A 17 -6.05 0.80 -1.55
C GLU A 17 -6.11 1.79 -0.38
N CYS A 18 -4.99 1.90 0.34
CA CYS A 18 -4.92 2.80 1.48
C CYS A 18 -4.06 4.02 1.16
N GLY A 19 -2.89 3.77 0.56
CA GLY A 19 -2.00 4.85 0.21
C GLY A 19 -0.66 4.74 0.91
N LYS A 20 -0.11 3.53 0.97
CA LYS A 20 1.17 3.30 1.62
C LYS A 20 2.29 3.15 0.59
N ALA A 21 3.53 3.28 1.04
CA ALA A 21 4.68 3.16 0.15
C ALA A 21 5.62 2.06 0.63
N PHE A 22 6.38 1.48 -0.30
CA PHE A 22 7.32 0.41 0.03
C PHE A 22 8.56 0.50 -0.84
N SER A 23 9.69 0.08 -0.29
CA SER A 23 10.96 0.12 -1.01
C SER A 23 11.11 -1.12 -1.90
N VAL A 24 10.50 -2.22 -1.48
CA VAL A 24 10.57 -3.46 -2.25
C VAL A 24 9.23 -3.77 -2.91
N TYR A 25 9.30 -4.43 -4.06
CA TYR A 25 8.09 -4.79 -4.80
C TYR A 25 7.23 -5.77 -4.01
N SER A 26 7.86 -6.86 -3.57
CA SER A 26 7.16 -7.88 -2.81
C SER A 26 6.43 -7.28 -1.61
N SER A 27 7.13 -6.41 -0.88
CA SER A 27 6.56 -5.75 0.29
C SER A 27 5.18 -5.17 -0.03
N LEU A 28 5.06 -4.57 -1.21
CA LEU A 28 3.80 -3.97 -1.64
C LEU A 28 2.74 -5.05 -1.85
N THR A 29 3.11 -6.12 -2.53
CA THR A 29 2.19 -7.22 -2.79
C THR A 29 1.71 -7.87 -1.49
N THR A 30 2.66 -8.24 -0.65
CA THR A 30 2.35 -8.88 0.63
C THR A 30 1.44 -7.99 1.48
N HIS A 31 1.54 -6.68 1.25
CA HIS A 31 0.73 -5.71 1.99
C HIS A 31 -0.69 -5.67 1.43
N GLN A 32 -0.81 -5.53 0.11
CA GLN A 32 -2.11 -5.47 -0.54
C GLN A 32 -3.05 -6.54 0.02
N VAL A 33 -2.48 -7.57 0.61
CA VAL A 33 -3.26 -8.66 1.18
C VAL A 33 -4.31 -8.13 2.16
N ILE A 34 -3.94 -7.09 2.91
CA ILE A 34 -4.84 -6.49 3.88
C ILE A 34 -6.08 -5.93 3.19
N HIS A 35 -6.06 -5.90 1.86
CA HIS A 35 -7.18 -5.39 1.08
C HIS A 35 -7.85 -6.51 0.29
N THR A 36 -7.10 -7.58 0.04
CA THR A 36 -7.62 -8.71 -0.71
C THR A 36 -8.60 -9.53 0.12
N GLY A 37 -9.86 -9.09 0.16
CA GLY A 37 -10.87 -9.79 0.92
C GLY A 37 -11.95 -8.87 1.43
N GLU A 38 -11.59 -7.96 2.33
CA GLU A 38 -12.55 -7.01 2.89
C GLU A 38 -13.10 -6.08 1.80
N LYS A 39 -14.39 -5.80 1.89
CA LYS A 39 -15.04 -4.92 0.92
C LYS A 39 -14.26 -3.62 0.75
N PRO A 40 -14.05 -3.21 -0.51
CA PRO A 40 -13.32 -1.98 -0.83
C PRO A 40 -14.11 -0.73 -0.46
N SER A 41 -15.28 -0.92 0.13
CA SER A 41 -16.13 0.19 0.53
C SER A 41 -15.29 1.37 0.99
N GLY A 42 -15.41 2.49 0.27
CA GLY A 42 -14.65 3.68 0.61
C GLY A 42 -13.72 4.12 -0.50
N PRO A 43 -14.26 4.85 -1.48
CA PRO A 43 -13.48 5.35 -2.62
C PRO A 43 -12.49 6.43 -2.22
N SER A 44 -12.93 7.35 -1.36
CA SER A 44 -12.08 8.44 -0.90
C SER A 44 -11.05 7.94 0.12
N SER A 45 -9.79 8.29 -0.10
CA SER A 45 -8.72 7.87 0.79
C SER A 45 -8.68 8.76 2.03
N GLY A 46 -9.84 9.04 2.60
CA GLY A 46 -9.92 9.87 3.78
C GLY A 46 -10.83 9.30 4.85
N GLY A 1 0.52 27.99 3.53
CA GLY A 1 0.44 26.65 4.08
C GLY A 1 1.14 25.63 3.21
N SER A 2 2.42 25.85 2.94
CA SER A 2 3.19 24.94 2.11
C SER A 2 4.35 24.33 2.91
N SER A 3 4.14 23.12 3.40
CA SER A 3 5.15 22.42 4.18
C SER A 3 5.34 21.00 3.69
N GLY A 4 6.58 20.49 3.78
CA GLY A 4 6.86 19.15 3.34
C GLY A 4 6.41 18.89 1.91
N SER A 5 5.30 18.17 1.78
CA SER A 5 4.75 17.85 0.47
C SER A 5 5.87 17.45 -0.50
N SER A 6 6.79 16.63 0.00
CA SER A 6 7.90 16.16 -0.82
C SER A 6 8.00 14.64 -0.79
N GLY A 7 7.97 14.07 0.41
CA GLY A 7 8.05 12.64 0.57
C GLY A 7 9.48 12.15 0.67
N THR A 8 9.88 11.73 1.87
CA THR A 8 11.23 11.25 2.11
C THR A 8 11.36 9.77 1.74
N GLY A 9 10.71 9.38 0.64
CA GLY A 9 10.76 8.00 0.21
C GLY A 9 10.71 7.87 -1.31
N VAL A 10 9.90 8.71 -1.94
CA VAL A 10 9.76 8.68 -3.39
C VAL A 10 9.72 7.25 -3.91
N LYS A 11 9.31 6.33 -3.06
CA LYS A 11 9.22 4.92 -3.42
C LYS A 11 8.21 4.72 -4.55
N PRO A 12 8.61 3.94 -5.57
CA PRO A 12 7.76 3.66 -6.73
C PRO A 12 6.58 2.75 -6.37
N TYR A 13 6.86 1.70 -5.59
CA TYR A 13 5.83 0.77 -5.18
C TYR A 13 4.95 1.37 -4.09
N MET A 14 3.80 1.90 -4.50
CA MET A 14 2.87 2.51 -3.56
C MET A 14 1.47 1.92 -3.72
N CYS A 15 0.84 1.59 -2.60
CA CYS A 15 -0.51 1.01 -2.62
C CYS A 15 -1.54 2.07 -2.99
N ASN A 16 -2.67 1.62 -3.52
CA ASN A 16 -3.75 2.52 -3.91
C ASN A 16 -4.96 2.36 -3.00
N GLU A 17 -5.17 1.14 -2.51
CA GLU A 17 -6.29 0.85 -1.63
C GLU A 17 -6.28 1.78 -0.42
N CYS A 18 -5.08 2.03 0.11
CA CYS A 18 -4.93 2.89 1.28
C CYS A 18 -4.06 4.11 0.94
N GLY A 19 -2.95 3.86 0.27
CA GLY A 19 -2.05 4.93 -0.09
C GLY A 19 -0.74 4.88 0.67
N LYS A 20 -0.06 3.74 0.62
CA LYS A 20 1.21 3.56 1.30
C LYS A 20 2.35 3.41 0.32
N ALA A 21 3.57 3.35 0.83
CA ALA A 21 4.75 3.21 -0.01
C ALA A 21 5.71 2.15 0.55
N PHE A 22 6.36 1.43 -0.35
CA PHE A 22 7.30 0.38 0.05
C PHE A 22 8.57 0.45 -0.78
N SER A 23 9.70 0.06 -0.17
CA SER A 23 10.98 0.08 -0.85
C SER A 23 11.19 -1.21 -1.64
N VAL A 24 10.35 -2.20 -1.39
CA VAL A 24 10.44 -3.48 -2.08
C VAL A 24 9.16 -3.78 -2.86
N TYR A 25 9.31 -4.36 -4.04
CA TYR A 25 8.17 -4.69 -4.88
C TYR A 25 7.25 -5.70 -4.19
N SER A 26 7.85 -6.79 -3.70
CA SER A 26 7.09 -7.84 -3.01
C SER A 26 6.28 -7.25 -1.86
N SER A 27 6.96 -6.51 -0.98
CA SER A 27 6.32 -5.89 0.17
C SER A 27 4.96 -5.32 -0.23
N LEU A 28 4.92 -4.63 -1.36
CA LEU A 28 3.68 -4.02 -1.84
C LEU A 28 2.60 -5.08 -2.03
N THR A 29 2.95 -6.16 -2.71
CA THR A 29 2.01 -7.24 -2.96
C THR A 29 1.60 -7.94 -1.66
N THR A 30 2.58 -8.16 -0.79
CA THR A 30 2.33 -8.81 0.49
C THR A 30 1.45 -7.95 1.38
N HIS A 31 1.53 -6.63 1.19
CA HIS A 31 0.73 -5.70 1.98
C HIS A 31 -0.73 -5.71 1.52
N GLN A 32 -0.94 -5.52 0.23
CA GLN A 32 -2.28 -5.50 -0.33
C GLN A 32 -3.13 -6.64 0.24
N VAL A 33 -2.45 -7.68 0.73
CA VAL A 33 -3.14 -8.83 1.30
C VAL A 33 -4.18 -8.40 2.31
N ILE A 34 -3.83 -7.43 3.14
CA ILE A 34 -4.74 -6.91 4.17
C ILE A 34 -6.01 -6.35 3.53
N HIS A 35 -5.91 -5.95 2.27
CA HIS A 35 -7.05 -5.40 1.55
C HIS A 35 -7.87 -6.50 0.89
N THR A 36 -7.30 -7.69 0.83
CA THR A 36 -7.99 -8.84 0.23
C THR A 36 -7.99 -10.03 1.17
N GLY A 37 -8.84 -9.96 2.20
CA GLY A 37 -8.93 -11.05 3.15
C GLY A 37 -10.27 -11.75 3.13
N GLU A 38 -11.32 -11.02 3.49
CA GLU A 38 -12.67 -11.57 3.51
C GLU A 38 -13.62 -10.73 2.66
N LYS A 39 -13.68 -11.04 1.37
CA LYS A 39 -14.54 -10.30 0.45
C LYS A 39 -15.84 -11.08 0.19
N PRO A 40 -16.96 -10.34 0.12
CA PRO A 40 -18.28 -10.93 -0.13
C PRO A 40 -18.42 -11.48 -1.54
N SER A 41 -17.45 -11.15 -2.40
CA SER A 41 -17.46 -11.61 -3.78
C SER A 41 -17.08 -13.09 -3.87
N GLY A 42 -17.79 -13.83 -4.72
CA GLY A 42 -17.51 -15.25 -4.88
C GLY A 42 -18.71 -16.02 -5.37
N PRO A 43 -19.74 -16.13 -4.52
CA PRO A 43 -20.97 -16.85 -4.85
C PRO A 43 -21.79 -16.13 -5.93
N SER A 44 -22.80 -16.83 -6.46
CA SER A 44 -23.66 -16.25 -7.48
C SER A 44 -24.92 -15.66 -6.88
N SER A 45 -25.59 -16.45 -6.03
CA SER A 45 -26.81 -16.00 -5.38
C SER A 45 -26.71 -14.54 -4.96
N GLY A 46 -25.58 -14.19 -4.35
CA GLY A 46 -25.37 -12.83 -3.90
C GLY A 46 -25.54 -12.67 -2.40
N GLY A 1 5.96 26.38 12.74
CA GLY A 1 6.77 25.18 12.85
C GLY A 1 6.79 24.39 11.56
N SER A 2 8.00 23.99 11.13
CA SER A 2 8.15 23.22 9.90
C SER A 2 8.45 21.76 10.20
N SER A 3 8.38 20.92 9.18
CA SER A 3 8.64 19.49 9.34
C SER A 3 9.66 19.01 8.32
N GLY A 4 10.20 17.81 8.55
CA GLY A 4 11.19 17.26 7.66
C GLY A 4 10.75 15.94 7.04
N SER A 5 10.82 15.86 5.72
CA SER A 5 10.42 14.65 5.01
C SER A 5 11.41 13.51 5.27
N SER A 6 12.69 13.79 5.07
CA SER A 6 13.73 12.79 5.28
C SER A 6 13.28 11.42 4.78
N GLY A 7 12.64 11.41 3.61
CA GLY A 7 12.17 10.17 3.04
C GLY A 7 13.22 9.48 2.19
N THR A 8 14.46 9.46 2.69
CA THR A 8 15.56 8.84 1.98
C THR A 8 15.11 7.55 1.28
N GLY A 9 15.50 7.41 0.01
CA GLY A 9 15.13 6.23 -0.75
C GLY A 9 13.90 6.47 -1.61
N VAL A 10 13.94 5.97 -2.84
CA VAL A 10 12.83 6.12 -3.76
C VAL A 10 11.81 5.00 -3.60
N LYS A 11 10.55 5.38 -3.40
CA LYS A 11 9.47 4.41 -3.23
C LYS A 11 8.56 4.38 -4.44
N PRO A 12 8.98 3.64 -5.49
CA PRO A 12 8.20 3.52 -6.72
C PRO A 12 6.93 2.71 -6.53
N TYR A 13 7.00 1.69 -5.69
CA TYR A 13 5.85 0.84 -5.43
C TYR A 13 5.01 1.39 -4.29
N MET A 14 3.75 1.72 -4.59
CA MET A 14 2.83 2.26 -3.59
C MET A 14 1.48 1.57 -3.66
N CYS A 15 0.85 1.39 -2.50
CA CYS A 15 -0.45 0.75 -2.43
C CYS A 15 -1.56 1.71 -2.86
N ASN A 16 -2.35 1.29 -3.85
CA ASN A 16 -3.45 2.11 -4.34
C ASN A 16 -4.77 1.70 -3.71
N GLU A 17 -4.74 1.46 -2.40
CA GLU A 17 -5.94 1.06 -1.67
C GLU A 17 -6.12 1.92 -0.41
N CYS A 18 -5.02 2.15 0.30
CA CYS A 18 -5.05 2.94 1.51
C CYS A 18 -4.15 4.17 1.39
N GLY A 19 -2.98 3.98 0.78
CA GLY A 19 -2.05 5.08 0.61
C GLY A 19 -0.70 4.80 1.25
N LYS A 20 -0.21 3.58 1.08
CA LYS A 20 1.08 3.18 1.63
C LYS A 20 2.16 3.22 0.57
N ALA A 21 3.41 3.02 1.00
CA ALA A 21 4.54 3.03 0.08
C ALA A 21 5.59 2.00 0.50
N PHE A 22 6.16 1.31 -0.48
CA PHE A 22 7.18 0.31 -0.21
C PHE A 22 8.32 0.40 -1.23
N SER A 23 9.53 0.06 -0.78
CA SER A 23 10.70 0.11 -1.65
C SER A 23 10.79 -1.15 -2.52
N VAL A 24 10.39 -2.28 -1.95
CA VAL A 24 10.44 -3.55 -2.66
C VAL A 24 9.05 -3.92 -3.20
N TYR A 25 9.01 -4.39 -4.44
CA TYR A 25 7.76 -4.78 -5.08
C TYR A 25 6.99 -5.77 -4.21
N SER A 26 7.69 -6.79 -3.73
CA SER A 26 7.08 -7.81 -2.88
C SER A 26 6.44 -7.18 -1.65
N SER A 27 7.19 -6.30 -0.99
CA SER A 27 6.69 -5.63 0.21
C SER A 27 5.30 -5.05 -0.02
N LEU A 28 5.09 -4.50 -1.22
CA LEU A 28 3.81 -3.90 -1.56
C LEU A 28 2.70 -4.96 -1.57
N THR A 29 2.99 -6.11 -2.16
CA THR A 29 2.03 -7.19 -2.23
C THR A 29 1.76 -7.78 -0.84
N THR A 30 2.81 -7.95 -0.06
CA THR A 30 2.69 -8.50 1.28
C THR A 30 1.65 -7.72 2.10
N HIS A 31 1.52 -6.44 1.80
CA HIS A 31 0.57 -5.59 2.50
C HIS A 31 -0.78 -5.57 1.78
N GLN A 32 -0.74 -5.40 0.46
CA GLN A 32 -1.94 -5.36 -0.34
C GLN A 32 -2.88 -6.52 0.01
N VAL A 33 -2.31 -7.56 0.62
CA VAL A 33 -3.08 -8.73 1.02
C VAL A 33 -4.33 -8.33 1.80
N ILE A 34 -4.16 -7.43 2.77
CA ILE A 34 -5.27 -6.96 3.58
C ILE A 34 -6.34 -6.29 2.73
N HIS A 35 -5.98 -5.97 1.49
CA HIS A 35 -6.90 -5.32 0.57
C HIS A 35 -7.54 -6.35 -0.37
N THR A 36 -6.80 -7.41 -0.66
CA THR A 36 -7.29 -8.47 -1.54
C THR A 36 -7.45 -9.79 -0.79
N GLY A 37 -8.68 -10.09 -0.38
CA GLY A 37 -8.93 -11.32 0.34
C GLY A 37 -10.41 -11.52 0.62
N GLU A 38 -11.12 -10.43 0.84
CA GLU A 38 -12.56 -10.50 1.14
C GLU A 38 -13.32 -11.08 -0.05
N LYS A 39 -14.10 -12.12 0.21
CA LYS A 39 -14.87 -12.77 -0.83
C LYS A 39 -15.70 -11.75 -1.61
N PRO A 40 -15.74 -11.91 -2.94
CA PRO A 40 -16.49 -11.01 -3.82
C PRO A 40 -17.99 -11.16 -3.66
N SER A 41 -18.70 -10.04 -3.60
CA SER A 41 -20.15 -10.05 -3.45
C SER A 41 -20.80 -10.94 -4.49
N GLY A 42 -20.63 -10.57 -5.76
CA GLY A 42 -21.20 -11.35 -6.84
C GLY A 42 -20.98 -12.84 -6.67
N PRO A 43 -21.74 -13.64 -7.43
CA PRO A 43 -21.63 -15.11 -7.38
C PRO A 43 -20.32 -15.62 -7.97
N SER A 44 -19.61 -16.43 -7.18
CA SER A 44 -18.34 -16.99 -7.62
C SER A 44 -18.22 -18.45 -7.21
N SER A 45 -17.15 -19.10 -7.67
CA SER A 45 -16.93 -20.51 -7.35
C SER A 45 -15.47 -20.74 -6.95
N GLY A 46 -15.27 -21.17 -5.71
CA GLY A 46 -13.93 -21.42 -5.22
C GLY A 46 -13.86 -21.38 -3.70
N GLY A 1 15.12 25.76 6.77
CA GLY A 1 16.13 25.90 5.75
C GLY A 1 16.99 24.66 5.60
N SER A 2 17.23 24.25 4.36
CA SER A 2 18.05 23.07 4.10
C SER A 2 18.38 22.96 2.61
N SER A 3 19.65 23.14 2.28
CA SER A 3 20.10 23.07 0.89
C SER A 3 20.94 21.82 0.66
N GLY A 4 20.69 21.14 -0.45
CA GLY A 4 21.44 19.94 -0.78
C GLY A 4 20.56 18.86 -1.39
N SER A 5 21.10 17.66 -1.50
CA SER A 5 20.36 16.54 -2.08
C SER A 5 20.79 15.22 -1.45
N SER A 6 19.85 14.28 -1.34
CA SER A 6 20.13 12.98 -0.75
C SER A 6 20.35 11.93 -1.84
N GLY A 7 21.13 10.90 -1.51
CA GLY A 7 21.39 9.85 -2.46
C GLY A 7 20.13 9.26 -3.06
N THR A 8 19.76 8.07 -2.60
CA THR A 8 18.56 7.40 -3.10
C THR A 8 17.31 7.92 -2.40
N GLY A 9 16.17 7.83 -3.09
CA GLY A 9 14.93 8.29 -2.51
C GLY A 9 13.74 8.08 -3.45
N VAL A 10 13.68 6.91 -4.06
CA VAL A 10 12.60 6.59 -4.98
C VAL A 10 11.69 5.51 -4.40
N LYS A 11 10.39 5.80 -4.35
CA LYS A 11 9.42 4.86 -3.82
C LYS A 11 8.28 4.64 -4.81
N PRO A 12 8.54 3.83 -5.85
CA PRO A 12 7.55 3.52 -6.89
C PRO A 12 6.42 2.64 -6.36
N TYR A 13 6.78 1.55 -5.70
CA TYR A 13 5.79 0.63 -5.16
C TYR A 13 4.91 1.33 -4.13
N MET A 14 3.68 1.64 -4.53
CA MET A 14 2.74 2.30 -3.64
C MET A 14 1.33 1.70 -3.79
N CYS A 15 0.62 1.62 -2.67
CA CYS A 15 -0.73 1.07 -2.68
C CYS A 15 -1.76 2.16 -2.95
N ASN A 16 -2.94 1.74 -3.44
CA ASN A 16 -4.01 2.68 -3.73
C ASN A 16 -5.16 2.52 -2.76
N GLU A 17 -5.34 1.29 -2.26
CA GLU A 17 -6.42 1.01 -1.32
C GLU A 17 -6.36 1.95 -0.11
N CYS A 18 -5.18 2.04 0.49
CA CYS A 18 -4.99 2.91 1.65
C CYS A 18 -4.03 4.04 1.33
N GLY A 19 -2.90 3.71 0.70
CA GLY A 19 -1.92 4.71 0.34
C GLY A 19 -0.62 4.54 1.09
N LYS A 20 -0.02 3.36 0.96
CA LYS A 20 1.24 3.07 1.63
C LYS A 20 2.35 2.79 0.61
N ALA A 21 3.51 3.40 0.82
CA ALA A 21 4.64 3.22 -0.07
C ALA A 21 5.56 2.11 0.43
N PHE A 22 6.29 1.49 -0.49
CA PHE A 22 7.20 0.41 -0.13
C PHE A 22 8.45 0.44 -1.03
N SER A 23 9.59 0.11 -0.45
CA SER A 23 10.85 0.09 -1.19
C SER A 23 11.08 -1.26 -1.85
N VAL A 24 10.33 -2.26 -1.40
CA VAL A 24 10.45 -3.61 -1.94
C VAL A 24 9.18 -4.02 -2.68
N TYR A 25 9.32 -4.34 -3.97
CA TYR A 25 8.19 -4.74 -4.79
C TYR A 25 7.40 -5.85 -4.11
N SER A 26 8.10 -6.77 -3.46
CA SER A 26 7.46 -7.88 -2.77
C SER A 26 6.61 -7.38 -1.61
N SER A 27 7.10 -6.35 -0.92
CA SER A 27 6.39 -5.78 0.22
C SER A 27 5.03 -5.23 -0.21
N LEU A 28 5.01 -4.56 -1.36
CA LEU A 28 3.77 -3.99 -1.89
C LEU A 28 2.72 -5.07 -2.10
N THR A 29 3.15 -6.20 -2.65
CA THR A 29 2.24 -7.31 -2.91
C THR A 29 1.84 -8.01 -1.61
N THR A 30 2.75 -8.03 -0.64
CA THR A 30 2.49 -8.66 0.64
C THR A 30 1.60 -7.77 1.51
N HIS A 31 1.55 -6.49 1.18
CA HIS A 31 0.74 -5.54 1.95
C HIS A 31 -0.69 -5.51 1.42
N GLN A 32 -0.84 -5.40 0.11
CA GLN A 32 -2.15 -5.36 -0.53
C GLN A 32 -3.06 -6.42 0.05
N VAL A 33 -2.47 -7.45 0.63
CA VAL A 33 -3.23 -8.56 1.23
C VAL A 33 -4.27 -8.03 2.21
N ILE A 34 -3.91 -6.98 2.94
CA ILE A 34 -4.81 -6.38 3.91
C ILE A 34 -6.08 -5.87 3.25
N HIS A 35 -6.09 -5.87 1.91
CA HIS A 35 -7.25 -5.42 1.16
C HIS A 35 -7.89 -6.57 0.40
N THR A 36 -7.11 -7.61 0.12
CA THR A 36 -7.61 -8.78 -0.60
C THR A 36 -8.58 -9.57 0.27
N GLY A 37 -9.86 -9.19 0.21
CA GLY A 37 -10.87 -9.87 1.00
C GLY A 37 -12.24 -9.25 0.85
N GLU A 38 -12.27 -7.94 0.62
CA GLU A 38 -13.52 -7.22 0.47
C GLU A 38 -14.23 -7.04 1.82
N LYS A 39 -13.44 -6.93 2.87
CA LYS A 39 -13.98 -6.77 4.22
C LYS A 39 -13.86 -5.31 4.67
N PRO A 40 -14.87 -4.86 5.45
CA PRO A 40 -14.90 -3.49 5.97
C PRO A 40 -13.83 -3.24 7.02
N SER A 41 -12.73 -2.61 6.61
CA SER A 41 -11.63 -2.32 7.53
C SER A 41 -10.71 -1.27 6.94
N GLY A 42 -10.05 -0.51 7.81
CA GLY A 42 -9.15 0.53 7.37
C GLY A 42 -8.50 1.28 8.51
N PRO A 43 -7.27 1.76 8.29
CA PRO A 43 -6.51 2.50 9.30
C PRO A 43 -7.11 3.88 9.58
N SER A 44 -7.53 4.57 8.52
CA SER A 44 -8.12 5.89 8.65
C SER A 44 -9.42 5.98 7.86
N SER A 45 -10.11 7.12 8.00
CA SER A 45 -11.37 7.33 7.31
C SER A 45 -11.40 8.70 6.63
N GLY A 46 -10.96 8.74 5.37
CA GLY A 46 -10.94 9.98 4.63
C GLY A 46 -9.61 10.21 3.93
N GLY A 1 13.54 30.49 -1.14
CA GLY A 1 12.51 30.11 -0.20
C GLY A 1 12.36 28.61 -0.09
N SER A 2 11.18 28.17 0.35
CA SER A 2 10.92 26.73 0.52
C SER A 2 11.56 25.94 -0.61
N SER A 3 11.81 24.66 -0.34
CA SER A 3 12.43 23.78 -1.34
C SER A 3 12.13 22.32 -1.02
N GLY A 4 12.11 21.49 -2.06
CA GLY A 4 11.83 20.07 -1.87
C GLY A 4 13.08 19.22 -2.02
N SER A 5 13.50 18.60 -0.92
CA SER A 5 14.70 17.75 -0.92
C SER A 5 14.33 16.30 -0.67
N SER A 6 14.77 15.41 -1.56
CA SER A 6 14.49 13.99 -1.42
C SER A 6 15.28 13.38 -0.27
N GLY A 7 14.95 12.14 0.07
CA GLY A 7 15.65 11.46 1.16
C GLY A 7 16.78 10.59 0.66
N THR A 8 17.03 9.50 1.37
CA THR A 8 18.09 8.57 1.00
C THR A 8 17.53 7.35 0.26
N GLY A 9 16.60 7.61 -0.67
CA GLY A 9 16.00 6.53 -1.43
C GLY A 9 14.63 6.90 -1.97
N VAL A 10 14.16 6.12 -2.94
CA VAL A 10 12.85 6.37 -3.53
C VAL A 10 11.94 5.16 -3.35
N LYS A 11 10.63 5.41 -3.33
CA LYS A 11 9.64 4.35 -3.16
C LYS A 11 8.61 4.39 -4.28
N PRO A 12 8.92 3.69 -5.40
CA PRO A 12 8.03 3.64 -6.56
C PRO A 12 6.77 2.82 -6.28
N TYR A 13 6.95 1.64 -5.69
CA TYR A 13 5.83 0.77 -5.37
C TYR A 13 4.94 1.40 -4.30
N MET A 14 3.69 1.69 -4.66
CA MET A 14 2.74 2.28 -3.74
C MET A 14 1.40 1.55 -3.79
N CYS A 15 0.62 1.69 -2.73
CA CYS A 15 -0.70 1.05 -2.66
C CYS A 15 -1.80 2.03 -3.02
N ASN A 16 -2.64 1.64 -3.98
CA ASN A 16 -3.74 2.49 -4.43
C ASN A 16 -5.06 2.04 -3.80
N GLU A 17 -5.00 1.70 -2.51
CA GLU A 17 -6.20 1.25 -1.79
C GLU A 17 -6.30 1.95 -0.44
N CYS A 18 -5.15 2.21 0.17
CA CYS A 18 -5.11 2.87 1.48
C CYS A 18 -4.13 4.03 1.47
N GLY A 19 -2.99 3.83 0.82
CA GLY A 19 -1.98 4.88 0.75
C GLY A 19 -0.71 4.50 1.49
N LYS A 20 0.02 3.51 0.97
CA LYS A 20 1.25 3.07 1.58
C LYS A 20 2.35 2.89 0.53
N ALA A 21 3.55 3.36 0.85
CA ALA A 21 4.67 3.25 -0.06
C ALA A 21 5.68 2.21 0.41
N PHE A 22 6.28 1.49 -0.52
CA PHE A 22 7.27 0.46 -0.19
C PHE A 22 8.48 0.55 -1.12
N SER A 23 9.63 0.16 -0.60
CA SER A 23 10.87 0.19 -1.38
C SER A 23 11.09 -1.14 -2.09
N VAL A 24 10.29 -2.14 -1.74
CA VAL A 24 10.40 -3.47 -2.34
C VAL A 24 9.10 -3.86 -3.04
N TYR A 25 9.23 -4.46 -4.22
CA TYR A 25 8.06 -4.89 -4.98
C TYR A 25 7.22 -5.88 -4.19
N SER A 26 7.88 -6.88 -3.60
CA SER A 26 7.20 -7.89 -2.81
C SER A 26 6.47 -7.25 -1.62
N SER A 27 7.11 -6.29 -0.99
CA SER A 27 6.53 -5.61 0.16
C SER A 27 5.17 -5.03 -0.19
N LEU A 28 5.02 -4.56 -1.43
CA LEU A 28 3.77 -3.98 -1.89
C LEU A 28 2.66 -5.04 -1.94
N THR A 29 3.03 -6.23 -2.41
CA THR A 29 2.07 -7.32 -2.52
C THR A 29 1.69 -7.86 -1.14
N THR A 30 2.69 -8.20 -0.34
CA THR A 30 2.45 -8.71 1.00
C THR A 30 1.51 -7.79 1.79
N HIS A 31 1.53 -6.51 1.45
CA HIS A 31 0.68 -5.54 2.12
C HIS A 31 -0.74 -5.56 1.56
N GLN A 32 -0.84 -5.66 0.23
CA GLN A 32 -2.13 -5.70 -0.43
C GLN A 32 -3.01 -6.81 0.14
N VAL A 33 -2.39 -7.72 0.89
CA VAL A 33 -3.11 -8.83 1.50
C VAL A 33 -4.26 -8.33 2.38
N ILE A 34 -4.09 -7.13 2.92
CA ILE A 34 -5.11 -6.54 3.79
C ILE A 34 -6.24 -5.94 2.96
N HIS A 35 -6.03 -5.84 1.64
CA HIS A 35 -7.03 -5.27 0.75
C HIS A 35 -7.60 -6.36 -0.17
N THR A 36 -6.85 -7.43 -0.33
CA THR A 36 -7.27 -8.54 -1.18
C THR A 36 -8.56 -9.18 -0.66
N GLY A 37 -8.60 -9.39 0.66
CA GLY A 37 -9.77 -9.99 1.27
C GLY A 37 -10.38 -9.13 2.36
N GLU A 38 -10.79 -7.92 1.98
CA GLU A 38 -11.39 -6.99 2.94
C GLU A 38 -12.77 -6.54 2.48
N LYS A 39 -12.81 -5.87 1.34
CA LYS A 39 -14.08 -5.39 0.79
C LYS A 39 -15.02 -6.54 0.49
N PRO A 40 -16.30 -6.36 0.84
CA PRO A 40 -17.33 -7.38 0.62
C PRO A 40 -17.66 -7.57 -0.87
N SER A 41 -17.29 -8.73 -1.40
CA SER A 41 -17.54 -9.04 -2.81
C SER A 41 -19.03 -9.12 -3.09
N GLY A 42 -19.54 -8.16 -3.87
CA GLY A 42 -20.94 -8.14 -4.20
C GLY A 42 -21.21 -7.53 -5.57
N PRO A 43 -21.52 -6.22 -5.59
CA PRO A 43 -21.80 -5.49 -6.83
C PRO A 43 -20.55 -5.31 -7.68
N SER A 44 -20.75 -4.87 -8.92
CA SER A 44 -19.64 -4.65 -9.85
C SER A 44 -19.79 -3.32 -10.57
N SER A 45 -18.79 -2.98 -11.39
CA SER A 45 -18.81 -1.73 -12.13
C SER A 45 -20.18 -1.49 -12.76
N GLY A 46 -20.64 -0.25 -12.69
CA GLY A 46 -21.93 0.10 -13.25
C GLY A 46 -23.09 -0.46 -12.44
N GLY A 1 -7.07 23.95 3.79
CA GLY A 1 -6.81 23.97 2.36
C GLY A 1 -5.40 24.39 2.03
N SER A 2 -4.67 23.54 1.32
CA SER A 2 -3.29 23.84 0.95
C SER A 2 -2.82 22.91 -0.17
N SER A 3 -2.10 23.47 -1.13
CA SER A 3 -1.59 22.69 -2.25
C SER A 3 -0.07 22.58 -2.19
N GLY A 4 0.42 21.56 -1.50
CA GLY A 4 1.86 21.37 -1.38
C GLY A 4 2.26 19.93 -1.61
N SER A 5 1.66 19.01 -0.86
CA SER A 5 1.96 17.59 -0.98
C SER A 5 3.45 17.38 -1.28
N SER A 6 4.30 18.14 -0.59
CA SER A 6 5.74 18.04 -0.77
C SER A 6 6.39 17.35 0.42
N GLY A 7 6.79 16.09 0.22
CA GLY A 7 7.42 15.34 1.28
C GLY A 7 8.75 14.75 0.86
N THR A 8 9.76 14.89 1.71
CA THR A 8 11.09 14.38 1.42
C THR A 8 11.09 12.86 1.36
N GLY A 9 10.83 12.32 0.16
CA GLY A 9 10.81 10.88 -0.01
C GLY A 9 9.99 10.46 -1.22
N VAL A 10 10.32 9.30 -1.78
CA VAL A 10 9.61 8.78 -2.94
C VAL A 10 9.88 7.29 -3.14
N LYS A 11 8.86 6.55 -3.55
CA LYS A 11 8.99 5.12 -3.78
C LYS A 11 8.25 4.71 -5.03
N PRO A 12 8.83 3.76 -5.79
CA PRO A 12 8.24 3.25 -7.02
C PRO A 12 6.99 2.41 -6.76
N TYR A 13 7.03 1.61 -5.70
CA TYR A 13 5.92 0.76 -5.34
C TYR A 13 5.04 1.41 -4.28
N MET A 14 3.75 1.58 -4.59
CA MET A 14 2.82 2.20 -3.67
C MET A 14 1.48 1.47 -3.68
N CYS A 15 0.78 1.52 -2.56
CA CYS A 15 -0.52 0.85 -2.45
C CYS A 15 -1.65 1.80 -2.87
N ASN A 16 -2.43 1.37 -3.85
CA ASN A 16 -3.54 2.18 -4.35
C ASN A 16 -4.86 1.76 -3.71
N GLU A 17 -4.77 1.28 -2.47
CA GLU A 17 -5.96 0.84 -1.73
C GLU A 17 -6.08 1.59 -0.41
N CYS A 18 -4.94 1.92 0.19
CA CYS A 18 -4.93 2.63 1.46
C CYS A 18 -4.06 3.89 1.36
N GLY A 19 -2.87 3.73 0.78
CA GLY A 19 -1.97 4.87 0.64
C GLY A 19 -0.67 4.65 1.38
N LYS A 20 0.00 3.55 1.09
CA LYS A 20 1.27 3.22 1.73
C LYS A 20 2.34 2.90 0.70
N ALA A 21 3.46 3.61 0.76
CA ALA A 21 4.56 3.39 -0.17
C ALA A 21 5.56 2.39 0.39
N PHE A 22 6.09 1.55 -0.48
CA PHE A 22 7.07 0.54 -0.08
C PHE A 22 8.30 0.57 -0.99
N SER A 23 9.47 0.34 -0.39
CA SER A 23 10.72 0.35 -1.15
C SER A 23 10.87 -0.92 -1.97
N VAL A 24 10.41 -2.04 -1.40
CA VAL A 24 10.49 -3.32 -2.09
C VAL A 24 9.21 -3.60 -2.87
N TYR A 25 9.35 -4.32 -3.98
CA TYR A 25 8.21 -4.66 -4.83
C TYR A 25 7.32 -5.70 -4.14
N SER A 26 7.94 -6.75 -3.64
CA SER A 26 7.20 -7.82 -2.96
C SER A 26 6.50 -7.29 -1.71
N SER A 27 7.08 -6.25 -1.11
CA SER A 27 6.51 -5.65 0.08
C SER A 27 5.15 -5.02 -0.21
N LEU A 28 4.91 -4.73 -1.49
CA LEU A 28 3.65 -4.11 -1.90
C LEU A 28 2.57 -5.17 -2.07
N THR A 29 2.97 -6.36 -2.52
CA THR A 29 2.03 -7.45 -2.72
C THR A 29 1.61 -8.08 -1.39
N THR A 30 2.59 -8.33 -0.53
CA THR A 30 2.33 -8.92 0.77
C THR A 30 1.47 -8.00 1.64
N HIS A 31 1.46 -6.71 1.28
CA HIS A 31 0.68 -5.73 2.02
C HIS A 31 -0.76 -5.66 1.49
N GLN A 32 -0.88 -5.49 0.18
CA GLN A 32 -2.19 -5.42 -0.46
C GLN A 32 -3.13 -6.50 0.07
N VAL A 33 -2.54 -7.55 0.63
CA VAL A 33 -3.31 -8.65 1.19
C VAL A 33 -4.37 -8.15 2.17
N ILE A 34 -3.99 -7.18 2.99
CA ILE A 34 -4.91 -6.61 3.96
C ILE A 34 -6.09 -5.91 3.28
N HIS A 35 -6.01 -5.82 1.96
CA HIS A 35 -7.07 -5.17 1.19
C HIS A 35 -7.78 -6.17 0.29
N THR A 36 -7.53 -7.45 0.52
CA THR A 36 -8.15 -8.51 -0.26
C THR A 36 -8.94 -9.47 0.62
N GLY A 37 -9.66 -8.91 1.59
CA GLY A 37 -10.45 -9.72 2.49
C GLY A 37 -11.61 -8.95 3.11
N GLU A 38 -12.52 -8.49 2.26
CA GLU A 38 -13.67 -7.73 2.73
C GLU A 38 -14.39 -8.46 3.85
N LYS A 39 -14.08 -8.09 5.10
CA LYS A 39 -14.70 -8.72 6.26
C LYS A 39 -16.04 -8.08 6.57
N PRO A 40 -16.95 -8.87 7.15
CA PRO A 40 -18.30 -8.39 7.51
C PRO A 40 -18.26 -7.42 8.69
N SER A 41 -17.06 -7.13 9.18
CA SER A 41 -16.89 -6.22 10.30
C SER A 41 -16.35 -4.88 9.83
N GLY A 42 -16.97 -3.79 10.30
CA GLY A 42 -16.54 -2.46 9.93
C GLY A 42 -16.36 -1.54 11.11
N PRO A 43 -17.48 -1.01 11.63
CA PRO A 43 -17.48 -0.10 12.77
C PRO A 43 -17.10 -0.81 14.07
N SER A 44 -17.01 -2.13 14.01
CA SER A 44 -16.67 -2.93 15.19
C SER A 44 -15.47 -2.34 15.91
N SER A 45 -14.45 -1.96 15.15
CA SER A 45 -13.24 -1.38 15.72
C SER A 45 -13.49 0.05 16.21
N GLY A 46 -14.17 0.83 15.38
CA GLY A 46 -14.47 2.20 15.74
C GLY A 46 -15.85 2.63 15.29
N GLY A 1 25.83 14.26 11.37
CA GLY A 1 25.97 12.91 10.84
C GLY A 1 25.48 12.79 9.41
N SER A 2 24.89 11.65 9.07
CA SER A 2 24.39 11.42 7.73
C SER A 2 22.94 11.88 7.61
N SER A 3 22.76 13.11 7.13
CA SER A 3 21.42 13.68 6.97
C SER A 3 20.82 13.24 5.64
N GLY A 4 20.91 11.95 5.34
CA GLY A 4 20.36 11.44 4.11
C GLY A 4 19.40 10.28 4.33
N SER A 5 18.11 10.55 4.16
CA SER A 5 17.09 9.53 4.35
C SER A 5 17.02 8.58 3.14
N SER A 6 18.18 8.12 2.71
CA SER A 6 18.26 7.23 1.55
C SER A 6 17.26 7.63 0.48
N GLY A 7 17.02 8.93 0.36
CA GLY A 7 16.08 9.43 -0.63
C GLY A 7 14.79 8.63 -0.65
N THR A 8 13.83 9.05 0.18
CA THR A 8 12.54 8.37 0.25
C THR A 8 11.45 9.18 -0.43
N GLY A 9 10.97 8.69 -1.57
CA GLY A 9 9.93 9.38 -2.30
C GLY A 9 9.60 8.72 -3.62
N VAL A 10 10.63 8.50 -4.44
CA VAL A 10 10.45 7.86 -5.74
C VAL A 10 9.79 6.50 -5.60
N LYS A 11 9.72 6.00 -4.37
CA LYS A 11 9.11 4.70 -4.09
C LYS A 11 7.97 4.42 -5.06
N PRO A 12 8.26 3.69 -6.14
CA PRO A 12 7.26 3.34 -7.16
C PRO A 12 6.24 2.35 -6.63
N TYR A 13 6.65 1.51 -5.69
CA TYR A 13 5.76 0.50 -5.11
C TYR A 13 4.95 1.10 -3.97
N MET A 14 3.81 1.69 -4.32
CA MET A 14 2.93 2.30 -3.32
C MET A 14 1.52 1.75 -3.43
N CYS A 15 0.92 1.43 -2.29
CA CYS A 15 -0.43 0.89 -2.26
C CYS A 15 -1.47 1.98 -2.55
N ASN A 16 -2.36 1.69 -3.49
CA ASN A 16 -3.40 2.64 -3.87
C ASN A 16 -4.65 2.46 -3.01
N GLU A 17 -4.85 1.25 -2.53
CA GLU A 17 -6.00 0.93 -1.69
C GLU A 17 -6.10 1.91 -0.51
N CYS A 18 -5.03 2.01 0.26
CA CYS A 18 -4.99 2.91 1.41
C CYS A 18 -4.14 4.14 1.11
N GLY A 19 -2.97 3.91 0.52
CA GLY A 19 -2.08 5.01 0.19
C GLY A 19 -0.75 4.91 0.91
N LYS A 20 -0.17 3.72 0.91
CA LYS A 20 1.11 3.49 1.56
C LYS A 20 2.25 3.45 0.54
N ALA A 21 3.48 3.31 1.04
CA ALA A 21 4.65 3.25 0.17
C ALA A 21 5.63 2.19 0.64
N PHE A 22 6.31 1.55 -0.31
CA PHE A 22 7.28 0.51 0.02
C PHE A 22 8.48 0.58 -0.92
N SER A 23 9.66 0.29 -0.39
CA SER A 23 10.89 0.32 -1.17
C SER A 23 11.01 -0.91 -2.05
N VAL A 24 10.50 -2.04 -1.55
CA VAL A 24 10.55 -3.29 -2.29
C VAL A 24 9.20 -3.59 -2.95
N TYR A 25 9.24 -4.39 -4.01
CA TYR A 25 8.03 -4.76 -4.73
C TYR A 25 7.29 -5.88 -4.03
N SER A 26 8.04 -6.87 -3.56
CA SER A 26 7.45 -8.02 -2.86
C SER A 26 6.71 -7.56 -1.61
N SER A 27 7.23 -6.54 -0.96
CA SER A 27 6.62 -6.01 0.25
C SER A 27 5.31 -5.29 -0.06
N LEU A 28 5.22 -4.77 -1.28
CA LEU A 28 4.02 -4.05 -1.71
C LEU A 28 2.86 -5.02 -1.93
N THR A 29 3.16 -6.15 -2.57
CA THR A 29 2.15 -7.16 -2.85
C THR A 29 1.67 -7.84 -1.57
N THR A 30 2.62 -8.36 -0.78
CA THR A 30 2.28 -9.02 0.47
C THR A 30 1.43 -8.13 1.36
N HIS A 31 1.50 -6.82 1.12
CA HIS A 31 0.74 -5.86 1.90
C HIS A 31 -0.69 -5.75 1.38
N GLN A 32 -0.83 -5.61 0.06
CA GLN A 32 -2.13 -5.49 -0.57
C GLN A 32 -3.11 -6.51 0.01
N VAL A 33 -2.57 -7.57 0.59
CA VAL A 33 -3.39 -8.62 1.17
C VAL A 33 -4.40 -8.05 2.17
N ILE A 34 -3.97 -7.03 2.91
CA ILE A 34 -4.83 -6.38 3.90
C ILE A 34 -6.08 -5.81 3.24
N HIS A 35 -6.09 -5.78 1.91
CA HIS A 35 -7.22 -5.26 1.16
C HIS A 35 -7.91 -6.37 0.37
N THR A 36 -7.12 -7.35 -0.08
CA THR A 36 -7.66 -8.46 -0.85
C THR A 36 -8.80 -9.14 -0.10
N GLY A 37 -8.63 -9.29 1.21
CA GLY A 37 -9.66 -9.93 2.02
C GLY A 37 -9.89 -11.38 1.63
N GLU A 38 -11.03 -11.65 1.01
CA GLU A 38 -11.38 -13.00 0.58
C GLU A 38 -11.78 -13.86 1.78
N LYS A 39 -12.49 -13.25 2.72
CA LYS A 39 -12.95 -13.96 3.91
C LYS A 39 -14.08 -13.20 4.60
N PRO A 40 -14.99 -13.94 5.24
CA PRO A 40 -16.13 -13.36 5.96
C PRO A 40 -15.71 -12.60 7.22
N SER A 41 -16.28 -11.43 7.41
CA SER A 41 -15.96 -10.61 8.58
C SER A 41 -17.19 -10.42 9.47
N GLY A 42 -16.95 -10.03 10.72
CA GLY A 42 -18.04 -9.82 11.64
C GLY A 42 -18.88 -11.07 11.85
N PRO A 43 -19.68 -11.08 12.92
CA PRO A 43 -20.55 -12.22 13.24
C PRO A 43 -21.70 -12.37 12.26
N SER A 44 -22.02 -11.28 11.57
CA SER A 44 -23.12 -11.28 10.60
C SER A 44 -22.58 -11.35 9.17
N SER A 45 -23.40 -11.85 8.26
CA SER A 45 -23.01 -11.97 6.86
C SER A 45 -23.24 -10.67 6.11
N GLY A 46 -24.46 -10.13 6.26
CA GLY A 46 -24.79 -8.88 5.59
C GLY A 46 -24.27 -8.82 4.17
N GLY A 1 14.22 -7.23 16.12
CA GLY A 1 13.38 -6.13 15.64
C GLY A 1 14.15 -5.15 14.77
N SER A 2 14.11 -3.88 15.14
CA SER A 2 14.80 -2.84 14.38
C SER A 2 15.90 -2.20 15.23
N SER A 3 17.14 -2.51 14.92
CA SER A 3 18.29 -1.96 15.64
C SER A 3 18.96 -0.85 14.83
N GLY A 4 18.26 0.25 14.67
CA GLY A 4 18.80 1.37 13.93
C GLY A 4 19.19 0.99 12.51
N SER A 5 18.51 1.60 11.53
CA SER A 5 18.78 1.31 10.12
C SER A 5 19.09 2.60 9.36
N SER A 6 19.56 2.44 8.12
CA SER A 6 19.91 3.58 7.29
C SER A 6 19.97 3.18 5.82
N GLY A 7 19.13 3.80 5.00
CA GLY A 7 19.12 3.49 3.57
C GLY A 7 17.90 4.07 2.87
N THR A 8 17.91 5.38 2.67
CA THR A 8 16.80 6.05 2.00
C THR A 8 16.94 5.97 0.49
N GLY A 9 15.87 5.54 -0.18
CA GLY A 9 15.89 5.42 -1.62
C GLY A 9 14.56 5.77 -2.25
N VAL A 10 14.40 5.42 -3.52
CA VAL A 10 13.15 5.70 -4.24
C VAL A 10 12.05 4.72 -3.85
N LYS A 11 10.82 5.21 -3.82
CA LYS A 11 9.68 4.38 -3.47
C LYS A 11 8.61 4.41 -4.57
N PRO A 12 8.87 3.67 -5.65
CA PRO A 12 7.95 3.60 -6.80
C PRO A 12 6.68 2.85 -6.46
N TYR A 13 6.82 1.70 -5.80
CA TYR A 13 5.68 0.88 -5.41
C TYR A 13 4.85 1.57 -4.34
N MET A 14 3.60 1.88 -4.68
CA MET A 14 2.70 2.54 -3.74
C MET A 14 1.32 1.88 -3.75
N CYS A 15 0.70 1.80 -2.58
CA CYS A 15 -0.62 1.20 -2.46
C CYS A 15 -1.72 2.26 -2.54
N ASN A 16 -2.60 2.12 -3.53
CA ASN A 16 -3.69 3.06 -3.72
C ASN A 16 -4.89 2.69 -2.86
N GLU A 17 -4.99 1.41 -2.52
CA GLU A 17 -6.10 0.92 -1.70
C GLU A 17 -6.24 1.75 -0.43
N CYS A 18 -5.11 2.05 0.20
CA CYS A 18 -5.11 2.84 1.43
C CYS A 18 -4.18 4.05 1.29
N GLY A 19 -2.99 3.82 0.76
CA GLY A 19 -2.02 4.89 0.58
C GLY A 19 -0.74 4.63 1.33
N LYS A 20 -0.07 3.53 1.01
CA LYS A 20 1.18 3.17 1.67
C LYS A 20 2.26 2.87 0.64
N ALA A 21 3.40 3.55 0.76
CA ALA A 21 4.51 3.35 -0.16
C ALA A 21 5.50 2.33 0.39
N PHE A 22 6.18 1.63 -0.52
CA PHE A 22 7.15 0.62 -0.12
C PHE A 22 8.39 0.68 -1.01
N SER A 23 9.49 0.12 -0.51
CA SER A 23 10.75 0.12 -1.26
C SER A 23 10.88 -1.16 -2.10
N VAL A 24 10.53 -2.29 -1.49
CA VAL A 24 10.60 -3.57 -2.19
C VAL A 24 9.31 -3.87 -2.92
N TYR A 25 9.42 -4.60 -4.03
CA TYR A 25 8.25 -4.97 -4.83
C TYR A 25 7.39 -5.98 -4.09
N SER A 26 8.00 -7.05 -3.63
CA SER A 26 7.29 -8.10 -2.91
C SER A 26 6.53 -7.52 -1.72
N SER A 27 7.16 -6.57 -1.03
CA SER A 27 6.55 -5.94 0.13
C SER A 27 5.17 -5.38 -0.21
N LEU A 28 5.05 -4.77 -1.39
CA LEU A 28 3.79 -4.20 -1.83
C LEU A 28 2.70 -5.27 -1.88
N THR A 29 3.03 -6.40 -2.50
CA THR A 29 2.07 -7.50 -2.62
C THR A 29 1.68 -8.04 -1.24
N THR A 30 2.67 -8.24 -0.38
CA THR A 30 2.43 -8.75 0.96
C THR A 30 1.47 -7.86 1.72
N HIS A 31 1.55 -6.56 1.46
CA HIS A 31 0.70 -5.58 2.13
C HIS A 31 -0.70 -5.58 1.51
N GLN A 32 -0.76 -5.42 0.19
CA GLN A 32 -2.03 -5.40 -0.52
C GLN A 32 -2.97 -6.48 0.01
N VAL A 33 -2.40 -7.50 0.63
CA VAL A 33 -3.19 -8.60 1.18
C VAL A 33 -4.27 -8.08 2.11
N ILE A 34 -3.93 -7.09 2.92
CA ILE A 34 -4.87 -6.50 3.85
C ILE A 34 -6.11 -5.96 3.13
N HIS A 35 -6.00 -5.88 1.81
CA HIS A 35 -7.11 -5.39 0.99
C HIS A 35 -7.72 -6.51 0.15
N THR A 36 -6.88 -7.47 -0.22
CA THR A 36 -7.34 -8.60 -1.03
C THR A 36 -8.54 -9.27 -0.40
N GLY A 37 -8.40 -9.68 0.86
CA GLY A 37 -9.49 -10.33 1.56
C GLY A 37 -9.36 -11.84 1.55
N GLU A 38 -9.94 -12.49 2.56
CA GLU A 38 -9.88 -13.95 2.66
C GLU A 38 -11.27 -14.55 2.52
N LYS A 39 -12.23 -13.99 3.27
CA LYS A 39 -13.61 -14.48 3.23
C LYS A 39 -14.25 -14.18 1.88
N PRO A 40 -15.09 -15.12 1.41
CA PRO A 40 -15.78 -14.98 0.13
C PRO A 40 -16.87 -13.91 0.17
N SER A 41 -17.62 -13.88 1.26
CA SER A 41 -18.69 -12.90 1.42
C SER A 41 -18.74 -12.37 2.86
N GLY A 42 -19.09 -11.10 3.00
CA GLY A 42 -19.17 -10.50 4.32
C GLY A 42 -19.31 -8.99 4.25
N PRO A 43 -20.56 -8.51 4.20
CA PRO A 43 -20.85 -7.07 4.14
C PRO A 43 -20.53 -6.36 5.45
N SER A 44 -19.85 -5.22 5.34
CA SER A 44 -19.49 -4.44 6.52
C SER A 44 -20.15 -3.06 6.48
N SER A 45 -20.05 -2.38 5.35
CA SER A 45 -20.64 -1.05 5.20
C SER A 45 -20.89 -0.74 3.73
N GLY A 46 -21.88 0.13 3.48
CA GLY A 46 -22.18 0.50 2.11
C GLY A 46 -22.32 -0.70 1.20
N GLY A 1 25.91 26.21 -10.66
CA GLY A 1 25.59 25.20 -9.66
C GLY A 1 24.16 25.30 -9.19
N SER A 2 23.39 24.24 -9.41
CA SER A 2 21.98 24.21 -9.01
C SER A 2 21.73 23.10 -7.98
N SER A 3 21.77 23.47 -6.70
CA SER A 3 21.55 22.51 -5.63
C SER A 3 20.22 22.77 -4.94
N GLY A 4 19.67 21.74 -4.30
CA GLY A 4 18.41 21.88 -3.60
C GLY A 4 17.91 20.56 -3.05
N SER A 5 18.50 20.13 -1.93
CA SER A 5 18.11 18.87 -1.29
C SER A 5 16.59 18.76 -1.19
N SER A 6 16.10 17.54 -1.07
CA SER A 6 14.66 17.29 -0.95
C SER A 6 14.33 16.52 0.31
N GLY A 7 13.20 16.86 0.93
CA GLY A 7 12.79 16.19 2.15
C GLY A 7 11.51 15.41 1.98
N THR A 8 11.55 14.35 1.17
CA THR A 8 10.38 13.53 0.93
C THR A 8 10.78 12.11 0.52
N GLY A 9 10.35 11.13 1.30
CA GLY A 9 10.67 9.74 1.01
C GLY A 9 9.79 9.16 -0.07
N VAL A 10 10.19 9.33 -1.33
CA VAL A 10 9.44 8.82 -2.46
C VAL A 10 9.72 7.34 -2.70
N LYS A 11 8.72 6.61 -3.16
CA LYS A 11 8.87 5.18 -3.43
C LYS A 11 8.12 4.79 -4.71
N PRO A 12 8.70 3.85 -5.47
CA PRO A 12 8.10 3.37 -6.71
C PRO A 12 6.84 2.54 -6.48
N TYR A 13 6.95 1.56 -5.59
CA TYR A 13 5.82 0.70 -5.27
C TYR A 13 4.90 1.36 -4.24
N MET A 14 3.68 1.67 -4.66
CA MET A 14 2.70 2.30 -3.78
C MET A 14 1.39 1.52 -3.78
N CYS A 15 0.70 1.55 -2.64
CA CYS A 15 -0.56 0.84 -2.50
C CYS A 15 -1.74 1.74 -2.89
N ASN A 16 -2.54 1.28 -3.84
CA ASN A 16 -3.69 2.04 -4.31
C ASN A 16 -4.97 1.58 -3.61
N GLU A 17 -4.88 1.39 -2.29
CA GLU A 17 -6.02 0.95 -1.50
C GLU A 17 -6.17 1.79 -0.25
N CYS A 18 -5.03 2.12 0.38
CA CYS A 18 -5.04 2.92 1.60
C CYS A 18 -4.18 4.17 1.42
N GLY A 19 -3.04 4.01 0.77
CA GLY A 19 -2.14 5.13 0.55
C GLY A 19 -0.78 4.92 1.18
N LYS A 20 -0.23 3.73 1.01
CA LYS A 20 1.08 3.40 1.57
C LYS A 20 2.13 3.27 0.45
N ALA A 21 3.38 3.06 0.86
CA ALA A 21 4.46 2.90 -0.10
C ALA A 21 5.55 1.99 0.45
N PHE A 22 6.30 1.37 -0.46
CA PHE A 22 7.37 0.46 -0.07
C PHE A 22 8.55 0.55 -1.04
N SER A 23 9.73 0.15 -0.57
CA SER A 23 10.93 0.19 -1.40
C SER A 23 11.06 -1.07 -2.24
N VAL A 24 10.51 -2.17 -1.74
CA VAL A 24 10.56 -3.45 -2.45
C VAL A 24 9.23 -3.75 -3.13
N TYR A 25 9.28 -4.56 -4.18
CA TYR A 25 8.08 -4.91 -4.92
C TYR A 25 7.22 -5.88 -4.11
N SER A 26 7.82 -6.96 -3.64
CA SER A 26 7.11 -7.96 -2.86
C SER A 26 6.40 -7.32 -1.67
N SER A 27 7.13 -6.49 -0.93
CA SER A 27 6.57 -5.82 0.24
C SER A 27 5.21 -5.21 -0.08
N LEU A 28 5.12 -4.55 -1.23
CA LEU A 28 3.88 -3.93 -1.66
C LEU A 28 2.75 -4.96 -1.73
N THR A 29 3.02 -6.07 -2.40
CA THR A 29 2.03 -7.13 -2.55
C THR A 29 1.67 -7.73 -1.20
N THR A 30 2.69 -8.05 -0.40
CA THR A 30 2.47 -8.64 0.92
C THR A 30 1.47 -7.82 1.72
N HIS A 31 1.52 -6.50 1.57
CA HIS A 31 0.60 -5.61 2.28
C HIS A 31 -0.77 -5.60 1.61
N GLN A 32 -0.79 -5.26 0.33
CA GLN A 32 -2.04 -5.20 -0.42
C GLN A 32 -2.97 -6.35 -0.02
N VAL A 33 -2.38 -7.44 0.45
CA VAL A 33 -3.14 -8.61 0.86
C VAL A 33 -4.27 -8.21 1.81
N ILE A 34 -3.94 -7.39 2.80
CA ILE A 34 -4.93 -6.94 3.77
C ILE A 34 -6.17 -6.38 3.09
N HIS A 35 -6.01 -5.96 1.84
CA HIS A 35 -7.11 -5.41 1.06
C HIS A 35 -7.83 -6.51 0.28
N THR A 36 -7.09 -7.54 -0.08
CA THR A 36 -7.64 -8.66 -0.84
C THR A 36 -7.44 -9.98 -0.11
N GLY A 37 -8.28 -10.25 0.89
CA GLY A 37 -8.17 -11.48 1.64
C GLY A 37 -9.49 -11.92 2.23
N GLU A 38 -10.52 -12.00 1.37
CA GLU A 38 -11.84 -12.42 1.81
C GLU A 38 -12.16 -13.82 1.31
N LYS A 39 -13.23 -14.41 1.86
CA LYS A 39 -13.64 -15.76 1.46
C LYS A 39 -13.34 -16.01 0.00
N PRO A 40 -12.20 -16.66 -0.27
CA PRO A 40 -11.77 -16.99 -1.64
C PRO A 40 -12.64 -18.06 -2.28
N SER A 41 -13.57 -18.61 -1.50
CA SER A 41 -14.46 -19.65 -1.98
C SER A 41 -15.92 -19.21 -1.89
N GLY A 42 -16.81 -19.96 -2.52
CA GLY A 42 -18.21 -19.62 -2.50
C GLY A 42 -19.00 -20.45 -1.51
N PRO A 43 -19.60 -21.56 -1.98
CA PRO A 43 -20.38 -22.46 -1.14
C PRO A 43 -19.51 -23.25 -0.17
N SER A 44 -20.02 -23.44 1.05
CA SER A 44 -19.29 -24.17 2.07
C SER A 44 -20.01 -25.47 2.44
N SER A 45 -21.32 -25.37 2.64
CA SER A 45 -22.13 -26.53 3.00
C SER A 45 -21.39 -27.42 4.00
N GLY A 46 -20.76 -26.80 4.99
CA GLY A 46 -20.03 -27.55 5.99
C GLY A 46 -20.40 -27.15 7.40
N GLY A 1 -0.64 25.30 0.84
CA GLY A 1 -0.16 24.15 1.59
C GLY A 1 1.15 23.61 1.04
N SER A 2 2.26 24.14 1.55
CA SER A 2 3.58 23.70 1.10
C SER A 2 4.38 23.11 2.26
N SER A 3 4.25 21.80 2.45
CA SER A 3 4.95 21.11 3.53
C SER A 3 6.46 21.24 3.35
N GLY A 4 6.97 20.79 2.22
CA GLY A 4 8.39 20.86 1.95
C GLY A 4 9.19 19.92 2.81
N SER A 5 8.86 18.63 2.75
CA SER A 5 9.55 17.62 3.54
C SER A 5 10.93 17.32 2.94
N SER A 6 11.83 16.82 3.78
CA SER A 6 13.19 16.49 3.35
C SER A 6 13.52 15.03 3.66
N GLY A 7 14.06 14.34 2.68
CA GLY A 7 14.42 12.95 2.86
C GLY A 7 14.80 12.26 1.56
N THR A 8 15.84 11.45 1.59
CA THR A 8 16.30 10.74 0.41
C THR A 8 15.77 9.31 0.38
N GLY A 9 15.09 8.96 -0.71
CA GLY A 9 14.54 7.63 -0.84
C GLY A 9 13.57 7.51 -2.00
N VAL A 10 13.60 6.37 -2.68
CA VAL A 10 12.72 6.14 -3.82
C VAL A 10 11.61 5.15 -3.47
N LYS A 11 10.38 5.51 -3.81
CA LYS A 11 9.23 4.67 -3.52
C LYS A 11 8.39 4.45 -4.78
N PRO A 12 8.87 3.55 -5.65
CA PRO A 12 8.18 3.23 -6.91
C PRO A 12 6.88 2.46 -6.67
N TYR A 13 6.90 1.56 -5.70
CA TYR A 13 5.73 0.76 -5.38
C TYR A 13 4.89 1.43 -4.29
N MET A 14 3.64 1.75 -4.62
CA MET A 14 2.75 2.39 -3.67
C MET A 14 1.36 1.77 -3.73
N CYS A 15 0.65 1.78 -2.60
CA CYS A 15 -0.69 1.21 -2.53
C CYS A 15 -1.75 2.31 -2.59
N ASN A 16 -2.61 2.22 -3.60
CA ASN A 16 -3.67 3.21 -3.78
C ASN A 16 -4.86 2.89 -2.88
N GLU A 17 -5.00 1.63 -2.51
CA GLU A 17 -6.10 1.19 -1.65
C GLU A 17 -6.14 2.02 -0.37
N CYS A 18 -5.02 2.07 0.33
CA CYS A 18 -4.93 2.82 1.58
C CYS A 18 -4.00 4.03 1.43
N GLY A 19 -2.83 3.79 0.84
CA GLY A 19 -1.87 4.86 0.63
C GLY A 19 -0.55 4.60 1.34
N LYS A 20 0.03 3.44 1.08
CA LYS A 20 1.31 3.06 1.69
C LYS A 20 2.39 2.90 0.62
N ALA A 21 3.54 3.52 0.86
CA ALA A 21 4.66 3.45 -0.07
C ALA A 21 5.71 2.45 0.41
N PHE A 22 6.20 1.63 -0.50
CA PHE A 22 7.20 0.63 -0.18
C PHE A 22 8.43 0.76 -1.08
N SER A 23 9.56 0.23 -0.62
CA SER A 23 10.80 0.30 -1.39
C SER A 23 10.97 -0.95 -2.25
N VAL A 24 10.27 -2.02 -1.87
CA VAL A 24 10.35 -3.28 -2.60
C VAL A 24 9.00 -3.64 -3.23
N TYR A 25 9.05 -4.43 -4.29
CA TYR A 25 7.83 -4.85 -4.98
C TYR A 25 7.05 -5.86 -4.14
N SER A 26 7.74 -6.89 -3.67
CA SER A 26 7.10 -7.92 -2.85
C SER A 26 6.47 -7.31 -1.60
N SER A 27 7.22 -6.45 -0.93
CA SER A 27 6.74 -5.80 0.29
C SER A 27 5.37 -5.19 0.06
N LEU A 28 5.13 -4.71 -1.15
CA LEU A 28 3.85 -4.09 -1.50
C LEU A 28 2.75 -5.13 -1.60
N THR A 29 3.07 -6.27 -2.23
CA THR A 29 2.10 -7.33 -2.40
C THR A 29 1.74 -7.96 -1.05
N THR A 30 2.76 -8.21 -0.23
CA THR A 30 2.55 -8.80 1.09
C THR A 30 1.61 -7.94 1.94
N HIS A 31 1.53 -6.66 1.61
CA HIS A 31 0.66 -5.74 2.34
C HIS A 31 -0.71 -5.67 1.71
N GLN A 32 -0.76 -5.57 0.38
CA GLN A 32 -2.02 -5.50 -0.34
C GLN A 32 -2.95 -6.65 0.07
N VAL A 33 -2.38 -7.66 0.71
CA VAL A 33 -3.15 -8.82 1.14
C VAL A 33 -4.26 -8.41 2.11
N ILE A 34 -4.19 -7.17 2.58
CA ILE A 34 -5.19 -6.65 3.50
C ILE A 34 -6.38 -6.05 2.75
N HIS A 35 -6.22 -5.91 1.43
CA HIS A 35 -7.28 -5.35 0.61
C HIS A 35 -7.87 -6.41 -0.32
N THR A 36 -7.13 -7.51 -0.49
CA THR A 36 -7.57 -8.59 -1.35
C THR A 36 -8.25 -9.70 -0.53
N GLY A 37 -9.05 -9.30 0.45
CA GLY A 37 -9.73 -10.27 1.28
C GLY A 37 -11.19 -9.92 1.49
N GLU A 38 -11.49 -8.63 1.57
CA GLU A 38 -12.85 -8.17 1.78
C GLU A 38 -13.30 -7.25 0.64
N LYS A 39 -14.60 -7.07 0.52
CA LYS A 39 -15.16 -6.22 -0.53
C LYS A 39 -15.87 -5.00 0.07
N PRO A 40 -15.09 -3.99 0.45
CA PRO A 40 -15.62 -2.75 1.04
C PRO A 40 -16.39 -1.91 0.03
N SER A 41 -15.92 -1.92 -1.22
CA SER A 41 -16.57 -1.14 -2.27
C SER A 41 -18.03 -1.53 -2.40
N GLY A 42 -18.85 -0.59 -2.90
CA GLY A 42 -20.26 -0.86 -3.06
C GLY A 42 -21.13 0.21 -2.42
N PRO A 43 -22.26 0.54 -3.08
CA PRO A 43 -23.19 1.54 -2.59
C PRO A 43 -23.93 1.09 -1.32
N SER A 44 -24.10 -0.21 -1.18
CA SER A 44 -24.79 -0.78 -0.03
C SER A 44 -24.04 -1.99 0.51
N SER A 45 -23.49 -1.84 1.71
CA SER A 45 -22.75 -2.93 2.34
C SER A 45 -23.46 -4.26 2.15
N GLY A 46 -22.68 -5.31 1.87
CA GLY A 46 -23.25 -6.62 1.66
C GLY A 46 -22.25 -7.74 1.91
N GLY A 1 -2.04 6.60 18.26
CA GLY A 1 -3.04 7.63 18.50
C GLY A 1 -2.75 8.89 17.71
N SER A 2 -1.59 9.52 17.98
CA SER A 2 -1.22 10.74 17.30
C SER A 2 0.19 10.62 16.72
N SER A 3 0.27 10.08 15.50
CA SER A 3 1.56 9.90 14.83
C SER A 3 1.55 10.55 13.45
N GLY A 4 2.73 10.92 12.97
CA GLY A 4 2.83 11.54 11.66
C GLY A 4 3.09 10.54 10.56
N SER A 5 3.68 11.00 9.46
CA SER A 5 3.97 10.14 8.32
C SER A 5 5.41 10.29 7.88
N SER A 6 6.04 9.18 7.50
CA SER A 6 7.43 9.19 7.07
C SER A 6 7.52 9.30 5.55
N GLY A 7 7.52 10.52 5.05
CA GLY A 7 7.59 10.74 3.61
C GLY A 7 9.01 11.05 3.15
N THR A 8 9.79 10.00 2.90
CA THR A 8 11.17 10.16 2.46
C THR A 8 11.30 9.86 0.96
N GLY A 9 11.77 10.84 0.20
CA GLY A 9 11.93 10.66 -1.23
C GLY A 9 10.66 10.19 -1.90
N VAL A 10 10.81 9.43 -2.99
CA VAL A 10 9.66 8.93 -3.72
C VAL A 10 9.86 7.46 -4.11
N LYS A 11 8.87 6.64 -3.80
CA LYS A 11 8.93 5.21 -4.12
C LYS A 11 7.87 4.84 -5.16
N PRO A 12 8.25 3.94 -6.07
CA PRO A 12 7.35 3.48 -7.14
C PRO A 12 6.22 2.60 -6.60
N TYR A 13 6.58 1.60 -5.81
CA TYR A 13 5.60 0.69 -5.24
C TYR A 13 4.79 1.38 -4.15
N MET A 14 3.64 1.96 -4.55
CA MET A 14 2.78 2.65 -3.61
C MET A 14 1.34 2.16 -3.72
N CYS A 15 0.79 1.69 -2.62
CA CYS A 15 -0.58 1.18 -2.60
C CYS A 15 -1.58 2.31 -2.85
N ASN A 16 -2.67 1.98 -3.53
CA ASN A 16 -3.70 2.96 -3.85
C ASN A 16 -4.93 2.75 -2.97
N GLU A 17 -5.11 1.53 -2.48
CA GLU A 17 -6.24 1.20 -1.62
C GLU A 17 -6.27 2.10 -0.40
N CYS A 18 -5.16 2.14 0.33
CA CYS A 18 -5.05 2.95 1.53
C CYS A 18 -4.02 4.06 1.35
N GLY A 19 -2.89 3.71 0.75
CA GLY A 19 -1.84 4.68 0.53
C GLY A 19 -0.60 4.39 1.35
N LYS A 20 0.22 3.45 0.86
CA LYS A 20 1.44 3.07 1.55
C LYS A 20 2.57 2.83 0.55
N ALA A 21 3.69 3.53 0.76
CA ALA A 21 4.85 3.39 -0.12
C ALA A 21 5.84 2.36 0.43
N PHE A 22 6.40 1.55 -0.47
CA PHE A 22 7.36 0.53 -0.07
C PHE A 22 8.64 0.64 -0.90
N SER A 23 9.72 0.05 -0.38
CA SER A 23 11.00 0.08 -1.06
C SER A 23 11.24 -1.21 -1.84
N VAL A 24 10.36 -2.18 -1.62
CA VAL A 24 10.48 -3.48 -2.30
C VAL A 24 9.16 -3.88 -2.93
N TYR A 25 9.23 -4.44 -4.14
CA TYR A 25 8.04 -4.88 -4.85
C TYR A 25 7.21 -5.82 -4.00
N SER A 26 7.84 -6.90 -3.53
CA SER A 26 7.15 -7.88 -2.70
C SER A 26 6.45 -7.22 -1.52
N SER A 27 7.16 -6.32 -0.85
CA SER A 27 6.62 -5.62 0.30
C SER A 27 5.23 -5.07 -0.02
N LEU A 28 5.05 -4.60 -1.24
CA LEU A 28 3.76 -4.05 -1.66
C LEU A 28 2.71 -5.15 -1.81
N THR A 29 3.12 -6.26 -2.41
CA THR A 29 2.22 -7.39 -2.60
C THR A 29 1.75 -7.96 -1.27
N THR A 30 2.69 -8.25 -0.39
CA THR A 30 2.38 -8.79 0.92
C THR A 30 1.45 -7.86 1.70
N HIS A 31 1.46 -6.58 1.33
CA HIS A 31 0.61 -5.59 1.98
C HIS A 31 -0.80 -5.61 1.41
N GLN A 32 -0.90 -5.68 0.09
CA GLN A 32 -2.19 -5.71 -0.57
C GLN A 32 -3.08 -6.80 0.01
N VAL A 33 -2.47 -7.73 0.74
CA VAL A 33 -3.21 -8.83 1.35
C VAL A 33 -4.36 -8.32 2.20
N ILE A 34 -4.11 -7.23 2.93
CA ILE A 34 -5.13 -6.64 3.79
C ILE A 34 -6.21 -5.96 2.96
N HIS A 35 -6.03 -5.94 1.65
CA HIS A 35 -6.99 -5.33 0.75
C HIS A 35 -7.62 -6.37 -0.18
N THR A 36 -7.45 -7.63 0.18
CA THR A 36 -8.00 -8.73 -0.62
C THR A 36 -9.23 -9.33 0.05
N GLY A 37 -9.31 -9.18 1.37
CA GLY A 37 -10.45 -9.72 2.10
C GLY A 37 -11.59 -8.74 2.19
N GLU A 38 -11.89 -8.08 1.09
CA GLU A 38 -12.97 -7.09 1.06
C GLU A 38 -13.57 -7.00 -0.35
N LYS A 39 -14.86 -7.29 -0.45
CA LYS A 39 -15.57 -7.24 -1.73
C LYS A 39 -16.02 -5.81 -2.04
N PRO A 40 -15.67 -5.33 -3.23
CA PRO A 40 -16.03 -3.98 -3.68
C PRO A 40 -17.52 -3.85 -3.96
N SER A 41 -17.96 -2.62 -4.26
CA SER A 41 -19.36 -2.37 -4.55
C SER A 41 -19.82 -3.16 -5.77
N GLY A 42 -18.91 -3.36 -6.70
CA GLY A 42 -19.23 -4.10 -7.91
C GLY A 42 -19.40 -5.58 -7.66
N PRO A 43 -20.32 -6.22 -8.41
CA PRO A 43 -20.60 -7.64 -8.27
C PRO A 43 -19.46 -8.52 -8.77
N SER A 44 -18.43 -7.88 -9.32
CA SER A 44 -17.27 -8.60 -9.84
C SER A 44 -16.65 -9.48 -8.76
N SER A 45 -17.20 -10.67 -8.58
CA SER A 45 -16.72 -11.61 -7.58
C SER A 45 -16.06 -12.81 -8.24
N GLY A 46 -15.38 -13.62 -7.44
CA GLY A 46 -14.71 -14.80 -7.97
C GLY A 46 -15.52 -16.07 -7.76
#